data_3O0K
#
_entry.id   3O0K
#
_cell.length_a   81.180
_cell.length_b   50.860
_cell.length_c   115.350
_cell.angle_alpha   90.00
_cell.angle_beta   94.47
_cell.angle_gamma   90.00
#
_symmetry.space_group_name_H-M   'P 1 21 1'
#
loop_
_entity.id
_entity.type
_entity.pdbx_description
1 polymer 'Aldo/keto reductase'
2 non-polymer 1,2-ETHANEDIOL
3 non-polymer GLYCEROL
4 water water
#
_entity_poly.entity_id   1
_entity_poly.type   'polypeptide(L)'
_entity_poly.pdbx_seq_one_letter_code
;MAHHHHHHMGTLEAQTQGPGSMIMTVPTVKLNDGNHIPQLGYGVWQISNDEAVSAVSEALKAGYRHIDTATIYGNEEGVG
KAINGSGIARADIFLTTKLWNSDQGYESTLKAFDTSLKKLGTDYVDLYLIHWPMPSKDLFMETWRAFIKLKEEGRVKSIG
VSNFRTADLERLIKESGVTPVLNQIELHPQFQQDELRLFHGKHDIATEAWSPLGQGKLLEDPTLKSIAEKHAKSVAQIIL
RWHIETGNIVIPKSITPARIKENFDIFDFTLNGTDHDAITKLD
;
_entity_poly.pdbx_strand_id   A,B,C,D
#
loop_
_chem_comp.id
_chem_comp.type
_chem_comp.name
_chem_comp.formula
EDO non-polymer 1,2-ETHANEDIOL 'C2 H6 O2'
GOL non-polymer GLYCEROL 'C3 H8 O3'
#
# COMPACT_ATOMS: atom_id res chain seq x y z
N SER A 21 -8.36 -12.09 3.16
CA SER A 21 -7.19 -12.27 2.25
C SER A 21 -6.58 -10.95 1.81
N MET A 22 -7.17 -9.84 2.27
CA MET A 22 -6.71 -8.54 1.85
C MET A 22 -5.50 -8.23 2.67
N ILE A 23 -4.52 -7.61 2.03
CA ILE A 23 -3.29 -7.23 2.67
C ILE A 23 -3.17 -5.74 2.46
N MET A 24 -3.16 -4.98 3.55
CA MET A 24 -3.17 -3.53 3.42
C MET A 24 -1.78 -3.14 2.99
N THR A 25 -1.72 -2.33 1.93
CA THR A 25 -0.45 -1.78 1.46
C THR A 25 0.02 -0.61 2.35
N VAL A 26 1.21 -0.78 2.95
CA VAL A 26 1.79 0.24 3.81
C VAL A 26 2.19 1.40 2.93
N PRO A 27 1.64 2.59 3.19
CA PRO A 27 1.95 3.73 2.31
C PRO A 27 3.40 4.14 2.46
N THR A 28 3.96 4.68 1.37
CA THR A 28 5.28 5.23 1.41
C THR A 28 5.17 6.72 1.24
N VAL A 29 6.15 7.43 1.78
CA VAL A 29 6.20 8.86 1.59
C VAL A 29 7.33 9.12 0.58
N LYS A 30 7.01 9.79 -0.51
CA LYS A 30 8.03 10.13 -1.48
C LYS A 30 8.77 11.35 -0.93
N LEU A 31 10.10 11.22 -0.81
CA LEU A 31 10.95 12.25 -0.23
C LEU A 31 11.50 13.19 -1.29
N ASN A 32 12.04 14.34 -0.87
CA ASN A 32 12.56 15.36 -1.80
C ASN A 32 13.77 14.94 -2.67
N ASP A 33 14.36 13.79 -2.36
CA ASP A 33 15.46 13.24 -3.15
C ASP A 33 15.02 12.05 -4.00
N GLY A 34 13.71 11.87 -4.14
CA GLY A 34 13.16 10.80 -4.94
C GLY A 34 13.04 9.44 -4.27
N ASN A 35 13.62 9.27 -3.07
CA ASN A 35 13.49 7.99 -2.36
C ASN A 35 12.10 7.88 -1.74
N HIS A 36 11.67 6.65 -1.45
CA HIS A 36 10.40 6.43 -0.77
C HIS A 36 10.69 5.74 0.56
N ILE A 37 10.02 6.20 1.60
CA ILE A 37 10.16 5.64 2.95
C ILE A 37 8.78 5.10 3.40
N PRO A 38 8.75 3.84 3.93
CA PRO A 38 7.49 3.37 4.47
C PRO A 38 6.98 4.31 5.58
N GLN A 39 5.72 4.68 5.48
CA GLN A 39 5.16 5.66 6.41
C GLN A 39 5.07 5.16 7.84
N LEU A 40 5.07 3.85 8.03
CA LEU A 40 5.19 3.24 9.37
C LEU A 40 6.50 2.51 9.41
N GLY A 41 7.16 2.68 10.54
CA GLY A 41 8.36 1.98 10.82
C GLY A 41 8.35 1.61 12.28
N TYR A 42 9.35 0.82 12.63
CA TYR A 42 9.49 0.29 13.97
C TYR A 42 10.63 0.97 14.64
N GLY A 43 10.33 1.62 15.78
CA GLY A 43 11.33 2.33 16.55
C GLY A 43 12.04 1.44 17.57
N VAL A 44 13.35 1.32 17.44
CA VAL A 44 14.19 0.78 18.50
C VAL A 44 14.69 1.96 19.34
N TRP A 45 14.48 1.89 20.64
CA TRP A 45 15.00 2.91 21.52
CA TRP A 45 14.95 2.88 21.58
C TRP A 45 16.11 2.28 22.40
N GLN A 46 16.25 2.67 23.66
CA GLN A 46 17.46 2.36 24.47
C GLN A 46 17.51 0.91 24.97
N ILE A 47 17.14 -0.03 24.11
CA ILE A 47 17.06 -1.40 24.52
C ILE A 47 18.43 -2.03 24.25
N SER A 48 18.67 -3.21 24.81
CA SER A 48 19.95 -3.90 24.67
C SER A 48 20.09 -4.57 23.30
N ASN A 49 21.28 -5.02 22.94
CA ASN A 49 21.44 -5.80 21.69
C ASN A 49 20.54 -7.03 21.60
N ASP A 50 20.48 -7.81 22.68
CA ASP A 50 19.63 -9.02 22.69
C ASP A 50 18.16 -8.67 22.56
N GLU A 51 17.73 -7.64 23.24
CA GLU A 51 16.37 -7.15 23.08
C GLU A 51 16.08 -6.64 21.67
N ALA A 52 17.01 -5.87 21.13
CA ALA A 52 16.86 -5.38 19.77
C ALA A 52 16.68 -6.54 18.77
N VAL A 53 17.44 -7.61 18.94
CA VAL A 53 17.38 -8.77 18.03
C VAL A 53 15.95 -9.30 18.03
N SER A 54 15.41 -9.53 19.23
CA SER A 54 14.06 -10.10 19.37
C SER A 54 13.03 -9.15 18.83
N ALA A 55 13.13 -7.86 19.17
CA ALA A 55 12.12 -6.89 18.80
C ALA A 55 12.08 -6.66 17.28
N VAL A 56 13.25 -6.50 16.69
CA VAL A 56 13.33 -6.26 15.25
C VAL A 56 12.89 -7.52 14.49
N SER A 57 13.27 -8.68 14.99
CA SER A 57 12.77 -9.92 14.43
CA SER A 57 12.77 -9.90 14.39
C SER A 57 11.23 -9.92 14.44
N GLU A 58 10.67 -9.55 15.57
CA GLU A 58 9.21 -9.56 15.75
C GLU A 58 8.54 -8.55 14.81
N ALA A 59 9.12 -7.36 14.72
CA ALA A 59 8.62 -6.36 13.81
C ALA A 59 8.67 -6.86 12.36
N LEU A 60 9.78 -7.40 11.93
CA LEU A 60 9.89 -7.86 10.55
C LEU A 60 8.88 -8.98 10.30
N LYS A 61 8.68 -9.81 11.31
CA LYS A 61 7.69 -10.90 11.23
C LYS A 61 6.27 -10.38 11.12
N ALA A 62 5.97 -9.29 11.84
CA ALA A 62 4.68 -8.65 11.82
C ALA A 62 4.41 -7.88 10.48
N GLY A 63 5.45 -7.65 9.68
CA GLY A 63 5.28 -7.04 8.37
C GLY A 63 5.87 -5.64 8.26
N TYR A 64 6.49 -5.14 9.31
CA TYR A 64 7.24 -3.88 9.24
C TYR A 64 8.39 -4.05 8.25
N ARG A 65 8.63 -3.03 7.44
CA ARG A 65 9.72 -3.07 6.48
C ARG A 65 10.57 -1.82 6.59
N HIS A 66 10.53 -1.20 7.77
CA HIS A 66 11.20 0.08 8.05
C HIS A 66 11.62 -0.04 9.50
N ILE A 67 12.93 -0.02 9.75
CA ILE A 67 13.49 -0.14 11.09
C ILE A 67 14.33 1.11 11.42
N ASP A 68 14.09 1.68 12.60
CA ASP A 68 14.70 2.94 13.02
C ASP A 68 15.48 2.80 14.32
N THR A 69 16.80 2.96 14.28
CA THR A 69 17.56 3.09 15.54
C THR A 69 18.46 4.34 15.54
N ALA A 70 19.35 4.39 16.53
CA ALA A 70 20.31 5.46 16.64
C ALA A 70 21.54 4.89 17.30
N THR A 71 22.70 5.31 16.80
CA THR A 71 23.97 4.82 17.29
C THR A 71 24.13 4.92 18.83
N ILE A 72 23.66 6.02 19.43
CA ILE A 72 23.77 6.19 20.88
C ILE A 72 22.97 5.12 21.67
N TYR A 73 22.03 4.42 21.06
CA TYR A 73 21.28 3.44 21.81
C TYR A 73 22.06 2.15 22.02
N GLY A 74 23.15 2.00 21.30
CA GLY A 74 24.06 0.85 21.50
C GLY A 74 23.51 -0.49 21.11
N ASN A 75 22.62 -0.53 20.13
CA ASN A 75 22.02 -1.79 19.70
C ASN A 75 22.12 -2.04 18.19
N GLU A 76 23.06 -1.37 17.53
CA GLU A 76 23.19 -1.55 16.09
C GLU A 76 23.57 -3.01 15.74
N GLU A 77 24.37 -3.69 16.56
CA GLU A 77 24.75 -5.08 16.22
C GLU A 77 23.52 -5.97 16.16
N GLY A 78 22.65 -5.81 17.15
CA GLY A 78 21.45 -6.63 17.28
C GLY A 78 20.42 -6.33 16.22
N VAL A 79 20.26 -5.04 15.91
CA VAL A 79 19.37 -4.59 14.83
C VAL A 79 19.85 -5.22 13.55
N GLY A 80 21.17 -5.14 13.34
CA GLY A 80 21.81 -5.67 12.13
C GLY A 80 21.66 -7.16 12.05
N LYS A 81 21.88 -7.88 13.16
CA LYS A 81 21.66 -9.33 13.17
C LYS A 81 20.22 -9.76 12.83
N ALA A 82 19.20 -9.12 13.40
CA ALA A 82 17.80 -9.44 13.05
C ALA A 82 17.47 -9.17 11.56
N ILE A 83 17.94 -8.03 11.06
CA ILE A 83 17.74 -7.70 9.67
C ILE A 83 18.42 -8.71 8.71
N ASN A 84 19.68 -9.06 8.97
CA ASN A 84 20.47 -9.87 8.05
C ASN A 84 20.01 -11.33 8.13
N GLY A 85 19.44 -11.72 9.26
CA GLY A 85 18.91 -13.08 9.42
C GLY A 85 17.39 -13.20 9.34
N SER A 86 16.72 -12.23 8.72
CA SER A 86 15.23 -12.23 8.65
C SER A 86 14.61 -13.08 7.54
N GLY A 87 15.41 -13.48 6.55
CA GLY A 87 14.89 -14.04 5.32
C GLY A 87 14.24 -13.07 4.36
N ILE A 88 14.37 -11.76 4.64
CA ILE A 88 13.91 -10.68 3.75
C ILE A 88 15.14 -10.02 3.14
N ALA A 89 15.09 -9.73 1.84
CA ALA A 89 16.27 -9.17 1.17
C ALA A 89 16.55 -7.79 1.79
N ARG A 90 17.83 -7.46 1.94
CA ARG A 90 18.27 -6.16 2.45
C ARG A 90 17.57 -5.01 1.72
N ALA A 91 17.43 -5.16 0.40
CA ALA A 91 16.78 -4.16 -0.46
C ALA A 91 15.30 -3.87 -0.13
N ASP A 92 14.61 -4.84 0.51
CA ASP A 92 13.19 -4.72 0.89
C ASP A 92 12.96 -4.19 2.32
N ILE A 93 14.05 -3.89 3.01
CA ILE A 93 14.00 -3.25 4.31
C ILE A 93 14.60 -1.84 4.27
N PHE A 94 13.89 -0.88 4.85
CA PHE A 94 14.37 0.49 5.01
C PHE A 94 14.93 0.64 6.42
N LEU A 95 16.22 0.99 6.53
CA LEU A 95 16.95 1.05 7.79
C LEU A 95 17.51 2.45 7.99
N THR A 96 17.19 3.02 9.14
CA THR A 96 17.61 4.36 9.55
C THR A 96 18.51 4.21 10.78
N THR A 97 19.61 4.96 10.82
CA THR A 97 20.32 5.17 12.06
C THR A 97 20.74 6.61 12.10
N LYS A 98 21.41 6.98 13.17
CA LYS A 98 21.64 8.38 13.50
C LYS A 98 23.00 8.61 14.15
N LEU A 99 23.60 9.71 13.69
CA LEU A 99 24.90 10.15 14.13
C LEU A 99 24.75 10.88 15.43
N TRP A 100 25.46 10.37 16.44
CA TRP A 100 25.45 10.89 17.76
C TRP A 100 26.28 12.18 17.97
N ASN A 101 25.81 13.05 18.86
CA ASN A 101 26.41 14.35 19.17
C ASN A 101 27.94 14.40 19.33
N SER A 102 28.54 13.46 20.08
CA SER A 102 30.00 13.43 20.30
C SER A 102 30.82 13.03 19.04
N ASP A 103 30.13 12.51 18.03
CA ASP A 103 30.74 12.18 16.74
C ASP A 103 30.58 13.27 15.66
N GLN A 104 29.97 14.40 15.99
CA GLN A 104 29.75 15.45 15.01
C GLN A 104 31.07 16.05 14.56
N GLY A 105 31.11 16.49 13.31
CA GLY A 105 32.32 16.87 12.62
C GLY A 105 32.41 16.09 11.30
N TYR A 106 33.21 16.59 10.35
CA TYR A 106 33.36 15.91 9.04
C TYR A 106 34.04 14.57 9.18
N GLU A 107 35.31 14.56 9.56
CA GLU A 107 36.03 13.29 9.68
C GLU A 107 35.40 12.36 10.73
N SER A 108 34.98 12.93 11.86
CA SER A 108 34.44 12.09 12.93
C SER A 108 33.11 11.40 12.51
N THR A 109 32.32 12.04 11.65
CA THR A 109 31.12 11.40 11.13
C THR A 109 31.46 10.26 10.17
N LEU A 110 32.44 10.45 9.29
CA LEU A 110 32.84 9.40 8.37
C LEU A 110 33.30 8.18 9.16
N LYS A 111 34.10 8.42 10.21
CA LYS A 111 34.55 7.34 11.08
C LYS A 111 33.38 6.63 11.79
N ALA A 112 32.51 7.41 12.41
CA ALA A 112 31.34 6.84 13.10
C ALA A 112 30.46 6.02 12.18
N PHE A 113 30.26 6.48 10.95
CA PHE A 113 29.41 5.79 10.02
C PHE A 113 29.99 4.45 9.66
N ASP A 114 31.27 4.46 9.30
CA ASP A 114 32.01 3.22 9.06
C ASP A 114 31.82 2.22 10.18
N THR A 115 31.96 2.68 11.43
CA THR A 115 31.81 1.83 12.62
C THR A 115 30.38 1.30 12.71
N SER A 116 29.41 2.18 12.47
CA SER A 116 28.02 1.72 12.46
C SER A 116 27.70 0.70 11.37
N LEU A 117 28.22 0.90 10.17
CA LEU A 117 28.04 -0.10 9.10
C LEU A 117 28.65 -1.44 9.52
N LYS A 118 29.85 -1.41 10.08
CA LYS A 118 30.51 -2.65 10.52
C LYS A 118 29.63 -3.34 11.57
N LYS A 119 29.09 -2.60 12.54
CA LYS A 119 28.18 -3.16 13.57
C LYS A 119 26.90 -3.76 12.96
N LEU A 120 26.23 -3.01 12.09
CA LEU A 120 25.02 -3.45 11.38
C LEU A 120 25.20 -4.57 10.34
N GLY A 121 26.43 -4.76 9.88
CA GLY A 121 26.74 -5.82 8.96
C GLY A 121 26.08 -5.60 7.63
N THR A 122 26.01 -4.36 7.20
CA THR A 122 25.52 -4.06 5.86
C THR A 122 26.40 -2.97 5.27
N ASP A 123 26.29 -2.72 3.96
CA ASP A 123 27.18 -1.75 3.29
C ASP A 123 26.53 -0.42 2.88
N TYR A 124 25.29 -0.21 3.32
CA TYR A 124 24.62 1.08 3.21
C TYR A 124 23.56 1.20 4.25
N VAL A 125 23.15 2.45 4.54
CA VAL A 125 21.88 2.67 5.22
C VAL A 125 20.92 3.45 4.33
N ASP A 126 19.62 3.22 4.50
CA ASP A 126 18.62 3.94 3.71
C ASP A 126 18.52 5.38 4.13
N LEU A 127 18.67 5.63 5.43
CA LEU A 127 18.54 6.97 5.97
C LEU A 127 19.49 7.16 7.13
N TYR A 128 20.27 8.22 7.07
CA TYR A 128 21.18 8.61 8.13
C TYR A 128 20.69 9.97 8.60
N LEU A 129 20.51 10.12 9.91
CA LEU A 129 20.03 11.36 10.47
C LEU A 129 21.02 11.94 11.43
N ILE A 130 21.13 13.25 11.44
CA ILE A 130 21.86 13.90 12.51
C ILE A 130 20.94 13.86 13.75
N HIS A 131 21.39 13.24 14.84
CA HIS A 131 20.51 12.99 16.01
C HIS A 131 20.00 14.26 16.68
N TRP A 132 20.87 15.26 16.82
CA TRP A 132 20.51 16.53 17.44
C TRP A 132 21.25 17.65 16.79
N PRO A 133 20.69 18.89 16.85
CA PRO A 133 21.43 20.09 16.47
C PRO A 133 22.37 20.57 17.58
N MET A 134 23.04 19.62 18.24
CA MET A 134 23.91 19.89 19.35
C MET A 134 25.28 19.25 19.09
N PRO A 135 26.37 19.91 19.55
CA PRO A 135 26.43 21.09 20.40
C PRO A 135 26.58 22.43 19.71
N SER A 136 26.72 22.47 18.38
CA SER A 136 26.74 23.79 17.70
C SER A 136 26.39 23.68 16.22
N LYS A 137 25.97 24.80 15.66
CA LYS A 137 25.64 24.90 14.24
C LYS A 137 26.84 24.51 13.40
N ASP A 138 28.02 25.02 13.77
CA ASP A 138 29.24 24.72 13.02
C ASP A 138 29.49 23.21 12.97
N LEU A 139 29.33 22.57 14.13
CA LEU A 139 29.56 21.16 14.20
C LEU A 139 28.54 20.40 13.35
N PHE A 140 27.26 20.74 13.44
CA PHE A 140 26.30 20.04 12.62
C PHE A 140 26.42 20.31 11.12
N MET A 141 26.89 21.48 10.72
CA MET A 141 27.12 21.74 9.31
C MET A 141 28.26 20.89 8.75
N GLU A 142 29.27 20.63 9.56
CA GLU A 142 30.38 19.80 9.14
C GLU A 142 29.94 18.34 9.04
N THR A 143 29.12 17.91 10.00
CA THR A 143 28.40 16.59 9.92
C THR A 143 27.52 16.49 8.67
N TRP A 144 26.75 17.54 8.41
CA TRP A 144 25.96 17.61 7.17
C TRP A 144 26.86 17.53 5.93
N ARG A 145 27.98 18.28 5.93
CA ARG A 145 28.97 18.15 4.85
C ARG A 145 29.41 16.68 4.65
N ALA A 146 29.63 15.96 5.75
CA ALA A 146 29.97 14.53 5.67
C ALA A 146 28.82 13.64 5.15
N PHE A 147 27.58 13.90 5.58
CA PHE A 147 26.39 13.20 5.07
C PHE A 147 26.28 13.38 3.52
N ILE A 148 26.50 14.62 3.05
CA ILE A 148 26.43 14.95 1.61
C ILE A 148 27.41 14.01 0.87
N LYS A 149 28.62 13.91 1.40
CA LYS A 149 29.64 13.03 0.84
C LYS A 149 29.22 11.56 0.85
N LEU A 150 28.65 11.10 1.95
CA LEU A 150 28.26 9.70 2.06
C LEU A 150 27.17 9.43 1.06
N LYS A 151 26.34 10.43 0.81
CA LYS A 151 25.25 10.32 -0.14
C LYS A 151 25.81 10.31 -1.57
N GLU A 152 26.73 11.23 -1.87
CA GLU A 152 27.44 11.21 -3.17
C GLU A 152 28.10 9.83 -3.43
N GLU A 153 28.71 9.24 -2.41
CA GLU A 153 29.35 7.91 -2.53
C GLU A 153 28.35 6.76 -2.67
N GLY A 154 27.07 7.00 -2.42
CA GLY A 154 26.06 5.93 -2.53
C GLY A 154 26.01 4.99 -1.34
N ARG A 155 26.66 5.37 -0.23
CA ARG A 155 26.61 4.59 1.01
C ARG A 155 25.44 4.95 1.93
N VAL A 156 24.87 6.15 1.77
CA VAL A 156 23.64 6.55 2.46
C VAL A 156 22.68 6.94 1.34
N LYS A 157 21.48 6.37 1.34
CA LYS A 157 20.53 6.66 0.24
C LYS A 157 19.87 8.04 0.45
N SER A 158 19.42 8.34 1.67
CA SER A 158 18.79 9.64 2.01
C SER A 158 19.39 10.22 3.29
N ILE A 159 19.53 11.53 3.33
CA ILE A 159 20.09 12.19 4.48
C ILE A 159 19.07 13.14 5.05
N GLY A 160 19.04 13.17 6.36
CA GLY A 160 18.10 13.94 7.13
C GLY A 160 18.57 14.25 8.53
N VAL A 161 17.65 14.79 9.33
CA VAL A 161 17.97 15.25 10.66
C VAL A 161 16.90 14.87 11.65
N SER A 162 17.22 15.07 12.93
CA SER A 162 16.36 14.77 14.05
C SER A 162 16.50 15.85 15.12
N ASN A 163 15.36 16.23 15.71
CA ASN A 163 15.30 17.28 16.71
C ASN A 163 15.76 18.64 16.26
N PHE A 164 15.65 18.94 14.96
CA PHE A 164 16.10 20.25 14.45
C PHE A 164 14.97 21.24 14.59
N ARG A 165 15.32 22.48 14.89
CA ARG A 165 14.37 23.58 15.01
C ARG A 165 14.39 24.34 13.68
N THR A 166 13.42 25.23 13.52
CA THR A 166 13.31 25.96 12.27
C THR A 166 14.63 26.72 11.97
N ALA A 167 15.22 27.35 12.98
CA ALA A 167 16.50 28.07 12.81
C ALA A 167 17.68 27.18 12.38
N ASP A 168 17.67 25.90 12.79
CA ASP A 168 18.71 24.95 12.41
C ASP A 168 18.51 24.52 10.96
N LEU A 169 17.24 24.29 10.58
CA LEU A 169 16.91 23.94 9.22
C LEU A 169 17.21 25.08 8.25
N GLU A 170 16.89 26.32 8.63
CA GLU A 170 17.19 27.48 7.80
C GLU A 170 18.68 27.56 7.51
N ARG A 171 19.51 27.39 8.55
CA ARG A 171 20.98 27.50 8.40
C ARG A 171 21.51 26.34 7.56
N LEU A 172 20.93 25.17 7.71
CA LEU A 172 21.36 23.97 7.01
C LEU A 172 21.05 24.12 5.50
N ILE A 173 19.85 24.60 5.18
CA ILE A 173 19.43 24.83 3.79
C ILE A 173 20.22 25.99 3.16
N LYS A 174 20.41 27.07 3.90
CA LYS A 174 21.07 28.26 3.35
C LYS A 174 22.54 27.95 3.09
N GLU A 175 23.22 27.42 4.10
CA GLU A 175 24.67 27.19 4.04
C GLU A 175 25.09 26.03 3.11
N SER A 176 24.29 24.97 3.00
CA SER A 176 24.68 23.80 2.18
C SER A 176 23.98 23.63 0.81
N GLY A 177 22.85 24.31 0.62
CA GLY A 177 22.01 24.11 -0.58
C GLY A 177 21.33 22.73 -0.61
N VAL A 178 21.43 21.97 0.47
CA VAL A 178 20.85 20.61 0.51
C VAL A 178 19.86 20.47 1.64
N THR A 179 18.61 20.23 1.26
CA THR A 179 17.51 20.20 2.21
C THR A 179 17.36 18.77 2.74
N PRO A 180 17.32 18.60 4.06
CA PRO A 180 17.09 17.27 4.63
C PRO A 180 15.80 16.62 4.10
N VAL A 181 15.78 15.30 3.87
CA VAL A 181 14.54 14.66 3.44
C VAL A 181 13.46 14.72 4.53
N LEU A 182 13.87 14.64 5.79
CA LEU A 182 12.94 14.66 6.88
C LEU A 182 13.60 15.16 8.12
N ASN A 183 12.78 15.59 9.06
CA ASN A 183 13.26 15.93 10.37
C ASN A 183 12.42 15.11 11.36
N GLN A 184 13.09 14.23 12.13
CA GLN A 184 12.37 13.35 13.07
C GLN A 184 12.23 14.08 14.36
N ILE A 185 10.99 14.33 14.79
CA ILE A 185 10.76 15.13 15.98
C ILE A 185 9.69 14.48 16.88
N GLU A 186 9.77 14.83 18.16
CA GLU A 186 8.78 14.37 19.10
C GLU A 186 7.47 14.95 18.68
N LEU A 187 6.47 14.10 18.47
CA LEU A 187 5.19 14.59 17.96
C LEU A 187 4.11 13.60 18.34
N HIS A 188 3.10 14.08 19.05
CA HIS A 188 2.01 13.22 19.47
C HIS A 188 0.78 14.07 19.79
N PRO A 189 -0.37 13.45 20.10
CA PRO A 189 -1.54 14.35 20.25
C PRO A 189 -1.44 15.49 21.27
N GLN A 190 -0.64 15.37 22.31
CA GLN A 190 -0.42 16.49 23.25
C GLN A 190 0.76 17.39 22.90
N PHE A 191 1.43 17.12 21.77
CA PHE A 191 2.58 17.90 21.35
C PHE A 191 2.63 17.84 19.84
N GLN A 192 1.76 18.62 19.21
CA GLN A 192 1.51 18.47 17.77
C GLN A 192 2.46 19.18 16.81
N GLN A 193 3.38 20.00 17.35
CA GLN A 193 4.45 20.65 16.58
C GLN A 193 3.93 21.41 15.35
N ASP A 194 2.87 22.18 15.53
CA ASP A 194 2.21 22.90 14.41
C ASP A 194 3.22 23.76 13.63
N GLU A 195 4.03 24.53 14.36
CA GLU A 195 5.05 25.42 13.77
C GLU A 195 6.06 24.70 12.87
N LEU A 196 6.74 23.70 13.42
CA LEU A 196 7.69 22.93 12.61
C LEU A 196 7.03 22.26 11.41
N ARG A 197 5.84 21.69 11.62
CA ARG A 197 5.15 21.06 10.50
C ARG A 197 4.85 22.05 9.38
N LEU A 198 4.50 23.28 9.73
CA LEU A 198 4.30 24.36 8.76
C LEU A 198 5.61 24.69 8.01
N PHE A 199 6.74 24.76 8.73
CA PHE A 199 8.02 24.98 8.07
C PHE A 199 8.37 23.80 7.16
N HIS A 200 8.22 22.59 7.66
CA HIS A 200 8.54 21.42 6.87
C HIS A 200 7.80 21.44 5.55
N GLY A 201 6.48 21.62 5.61
CA GLY A 201 5.63 21.69 4.41
C GLY A 201 6.05 22.76 3.45
N LYS A 202 6.42 23.92 3.99
CA LYS A 202 6.87 25.06 3.24
C LYS A 202 8.13 24.76 2.42
N HIS A 203 8.99 23.88 2.93
CA HIS A 203 10.30 23.61 2.31
C HIS A 203 10.55 22.16 1.92
N ASP A 204 9.49 21.40 1.76
CA ASP A 204 9.54 20.03 1.24
C ASP A 204 10.40 19.10 2.10
N ILE A 205 10.24 19.21 3.43
CA ILE A 205 10.87 18.33 4.42
C ILE A 205 9.74 17.50 4.99
N ALA A 206 9.89 16.18 5.02
CA ALA A 206 8.87 15.31 5.62
C ALA A 206 8.96 15.36 7.14
N THR A 207 7.83 15.17 7.79
CA THR A 207 7.81 15.13 9.25
C THR A 207 7.77 13.69 9.71
N GLU A 208 8.69 13.33 10.60
CA GLU A 208 8.69 12.00 11.15
C GLU A 208 8.53 12.14 12.67
N ALA A 209 7.57 11.41 13.22
CA ALA A 209 7.19 11.51 14.59
C ALA A 209 7.86 10.46 15.45
N TRP A 210 8.68 10.90 16.38
CA TRP A 210 9.14 9.94 17.39
C TRP A 210 8.26 10.07 18.63
N SER A 211 8.16 8.94 19.36
CA SER A 211 7.17 8.77 20.44
CA SER A 211 7.18 8.76 20.44
C SER A 211 5.78 9.21 19.97
N PRO A 212 5.36 8.71 18.82
CA PRO A 212 4.08 9.11 18.27
C PRO A 212 2.87 8.77 19.14
N LEU A 213 3.01 7.81 20.05
CA LEU A 213 1.90 7.44 20.92
C LEU A 213 1.85 8.34 22.13
N GLY A 214 2.88 9.14 22.35
CA GLY A 214 2.89 10.04 23.51
C GLY A 214 2.95 9.32 24.85
N GLN A 215 2.10 9.75 25.80
CA GLN A 215 2.25 9.49 27.25
C GLN A 215 1.22 8.54 27.90
N GLY A 216 1.28 7.26 27.53
CA GLY A 216 0.66 6.19 28.32
C GLY A 216 -0.84 6.32 28.53
N LEU A 218 -2.39 9.50 25.22
CA LEU A 218 -3.36 9.43 26.30
C LEU A 218 -4.30 8.23 26.18
N LEU A 219 -3.93 7.11 26.80
CA LEU A 219 -4.75 5.87 26.69
C LEU A 219 -6.08 5.97 27.45
N GLU A 220 -6.19 6.90 28.39
CA GLU A 220 -7.43 7.11 29.18
C GLU A 220 -8.16 8.42 28.81
N ASP A 221 -7.80 9.00 27.67
CA ASP A 221 -8.41 10.25 27.22
C ASP A 221 -9.78 9.93 26.64
N PRO A 222 -10.81 10.67 27.06
CA PRO A 222 -12.15 10.36 26.58
C PRO A 222 -12.35 10.60 25.06
N THR A 223 -11.79 11.66 24.51
CA THR A 223 -11.87 11.90 23.04
C THR A 223 -11.32 10.70 22.26
N LEU A 224 -10.09 10.32 22.58
CA LEU A 224 -9.45 9.23 21.92
C LEU A 224 -10.18 7.90 22.18
N LYS A 225 -10.68 7.69 23.40
CA LYS A 225 -11.48 6.48 23.70
C LYS A 225 -12.74 6.41 22.85
N SER A 226 -13.37 7.55 22.69
CA SER A 226 -14.57 7.62 21.93
C SER A 226 -14.31 7.31 20.45
N ILE A 227 -13.24 7.85 19.90
CA ILE A 227 -12.90 7.62 18.49
C ILE A 227 -12.54 6.14 18.24
N ALA A 228 -11.80 5.56 19.19
CA ALA A 228 -11.41 4.16 19.16
C ALA A 228 -12.68 3.27 19.10
N GLU A 229 -13.64 3.54 19.94
CA GLU A 229 -14.92 2.78 19.88
C GLU A 229 -15.59 2.98 18.53
N LYS A 230 -15.74 4.26 18.11
CA LYS A 230 -16.47 4.59 16.88
C LYS A 230 -15.95 3.72 15.74
N HIS A 231 -14.63 3.51 15.73
CA HIS A 231 -13.96 2.72 14.65
C HIS A 231 -13.65 1.24 14.96
N ALA A 232 -13.93 0.79 16.18
CA ALA A 232 -13.58 -0.58 16.61
C ALA A 232 -12.10 -0.84 16.49
N LYS A 233 -11.30 0.11 16.97
CA LYS A 233 -9.84 0.00 16.94
C LYS A 233 -9.38 0.43 18.31
N SER A 234 -8.11 0.20 18.60
CA SER A 234 -7.57 0.57 19.90
C SER A 234 -7.19 2.05 19.94
N VAL A 235 -7.04 2.61 21.12
CA VAL A 235 -6.62 4.03 21.20
C VAL A 235 -5.27 4.27 20.50
N ALA A 236 -4.33 3.34 20.65
CA ALA A 236 -3.03 3.49 19.96
C ALA A 236 -3.21 3.49 18.44
N GLN A 237 -4.15 2.68 17.97
CA GLN A 237 -4.40 2.61 16.55
C GLN A 237 -5.01 3.90 16.01
N ILE A 238 -5.86 4.54 16.82
CA ILE A 238 -6.43 5.82 16.43
C ILE A 238 -5.34 6.90 16.36
N ILE A 239 -4.49 6.95 17.37
CA ILE A 239 -3.39 7.94 17.40
C ILE A 239 -2.51 7.77 16.17
N LEU A 240 -2.12 6.53 15.89
CA LEU A 240 -1.24 6.26 14.76
C LEU A 240 -1.97 6.57 13.43
N ARG A 241 -3.27 6.35 13.36
CA ARG A 241 -4.00 6.70 12.12
C ARG A 241 -4.08 8.22 11.96
N TRP A 242 -4.26 8.94 13.05
CA TRP A 242 -4.24 10.40 12.99
C TRP A 242 -2.91 10.91 12.39
N HIS A 243 -1.81 10.34 12.86
CA HIS A 243 -0.50 10.69 12.32
C HIS A 243 -0.45 10.41 10.82
N ILE A 244 -0.88 9.22 10.41
CA ILE A 244 -0.83 8.80 9.01
C ILE A 244 -1.62 9.76 8.15
N GLU A 245 -2.79 10.16 8.63
CA GLU A 245 -3.66 11.06 7.85
C GLU A 245 -3.16 12.51 7.79
N THR A 246 -2.39 12.92 8.78
CA THR A 246 -1.81 14.25 8.75
C THR A 246 -0.50 14.27 7.97
N GLY A 247 -0.04 13.11 7.47
CA GLY A 247 1.13 13.02 6.60
C GLY A 247 2.44 12.67 7.28
N ASN A 248 2.38 12.40 8.58
CA ASN A 248 3.57 12.01 9.36
C ASN A 248 4.03 10.58 9.10
N ILE A 249 5.35 10.41 9.01
CA ILE A 249 5.97 9.11 9.10
C ILE A 249 6.04 8.83 10.61
N VAL A 250 5.70 7.61 11.01
CA VAL A 250 5.63 7.27 12.44
C VAL A 250 6.52 6.10 12.77
N ILE A 251 7.18 6.19 13.91
CA ILE A 251 8.05 5.11 14.37
C ILE A 251 7.75 4.71 15.80
N PRO A 252 6.53 4.19 16.02
CA PRO A 252 6.15 3.70 17.35
C PRO A 252 7.16 2.67 17.86
N LYS A 253 7.41 2.71 19.17
CA LYS A 253 8.50 1.95 19.71
C LYS A 253 8.15 0.96 20.81
N SER A 254 6.93 0.44 20.78
CA SER A 254 6.51 -0.62 21.72
C SER A 254 7.42 -1.85 21.71
N ILE A 255 7.63 -2.44 22.89
CA ILE A 255 8.58 -3.57 23.04
C ILE A 255 7.88 -4.96 23.11
N THR A 256 6.61 -4.96 23.48
CA THR A 256 5.86 -6.19 23.63
C THR A 256 5.28 -6.60 22.27
N PRO A 257 5.40 -7.91 21.92
CA PRO A 257 4.89 -8.40 20.65
C PRO A 257 3.47 -7.97 20.34
N ALA A 258 2.57 -8.08 21.32
CA ALA A 258 1.19 -7.72 21.09
C ALA A 258 1.09 -6.26 20.61
N ARG A 259 1.87 -5.40 21.23
CA ARG A 259 1.83 -3.99 20.86
C ARG A 259 2.51 -3.79 19.49
N ILE A 260 3.55 -4.56 19.21
CA ILE A 260 4.24 -4.44 17.91
C ILE A 260 3.23 -4.75 16.81
N LYS A 261 2.47 -5.83 16.98
CA LYS A 261 1.45 -6.20 16.01
C LYS A 261 0.28 -5.20 15.98
N GLU A 262 -0.11 -4.72 17.16
CA GLU A 262 -1.22 -3.74 17.26
C GLU A 262 -0.93 -2.47 16.47
N ASN A 263 0.30 -1.96 16.62
CA ASN A 263 0.72 -0.73 15.94
C ASN A 263 0.81 -0.86 14.41
N PHE A 264 0.90 -2.11 13.91
CA PHE A 264 0.99 -2.35 12.46
C PHE A 264 -0.37 -2.27 11.78
N ASP A 265 -1.42 -2.56 12.53
CA ASP A 265 -2.77 -2.68 11.99
C ASP A 265 -3.50 -1.36 12.00
N ILE A 266 -3.03 -0.43 11.16
CA ILE A 266 -3.59 0.93 11.13
C ILE A 266 -3.94 1.39 9.72
N PHE A 267 -3.97 0.45 8.78
CA PHE A 267 -4.18 0.76 7.37
C PHE A 267 -5.46 0.20 6.82
N ASP A 268 -6.31 -0.30 7.71
CA ASP A 268 -7.58 -0.96 7.35
C ASP A 268 -8.80 -0.09 7.69
N PHE A 269 -8.57 1.19 7.92
CA PHE A 269 -9.64 2.09 8.25
C PHE A 269 -9.18 3.55 8.06
N THR A 270 -10.10 4.50 8.19
CA THR A 270 -9.78 5.93 8.14
C THR A 270 -10.58 6.63 9.21
N LEU A 271 -10.07 7.74 9.72
CA LEU A 271 -10.83 8.65 10.55
C LEU A 271 -11.73 9.48 9.65
N ASN A 272 -12.53 10.34 10.24
CA ASN A 272 -13.23 11.33 9.45
C ASN A 272 -12.89 12.77 9.89
N GLY A 273 -13.62 13.73 9.34
CA GLY A 273 -13.40 15.16 9.62
C GLY A 273 -13.54 15.53 11.09
N THR A 274 -14.66 15.14 11.69
CA THR A 274 -14.92 15.40 13.12
C THR A 274 -13.81 14.81 14.02
N ASP A 275 -13.41 13.59 13.73
CA ASP A 275 -12.31 12.92 14.45
C ASP A 275 -11.05 13.77 14.49
N HIS A 276 -10.65 14.26 13.33
CA HIS A 276 -9.46 15.12 13.24
C HIS A 276 -9.58 16.41 14.08
N ASP A 277 -10.69 17.11 13.95
CA ASP A 277 -10.94 18.33 14.75
C ASP A 277 -10.79 18.04 16.26
N ALA A 278 -11.42 16.97 16.71
CA ALA A 278 -11.42 16.57 18.11
C ALA A 278 -10.00 16.23 18.60
N ILE A 279 -9.16 15.66 17.73
CA ILE A 279 -7.78 15.34 18.16
C ILE A 279 -6.90 16.58 18.20
N THR A 280 -7.08 17.47 17.24
CA THR A 280 -6.46 18.82 17.25
C THR A 280 -6.69 19.59 18.56
N LYS A 281 -7.89 19.46 19.12
CA LYS A 281 -8.24 20.12 20.39
C LYS A 281 -7.45 19.57 21.59
N LEU A 282 -6.74 18.44 21.42
CA LEU A 282 -5.96 17.86 22.51
C LEU A 282 -4.64 18.60 22.75
N ASP A 283 -4.29 19.50 21.83
CA ASP A 283 -3.22 20.46 22.03
C ASP A 283 -3.80 21.85 22.18
N THR B 25 -3.28 4.50 -0.95
CA THR B 25 -2.60 3.28 -1.46
C THR B 25 -3.61 2.16 -1.71
N VAL B 26 -3.27 1.30 -2.67
CA VAL B 26 -4.13 0.21 -3.08
C VAL B 26 -3.75 -1.08 -2.37
N PRO B 27 -4.70 -1.69 -1.63
CA PRO B 27 -4.42 -2.94 -1.00
C PRO B 27 -4.17 -4.03 -2.02
N THR B 28 -3.58 -5.12 -1.56
CA THR B 28 -3.53 -6.34 -2.34
C THR B 28 -4.34 -7.48 -1.73
N VAL B 29 -4.61 -8.46 -2.59
CA VAL B 29 -5.25 -9.67 -2.20
C VAL B 29 -4.21 -10.76 -2.39
N LYS B 30 -3.97 -11.55 -1.34
CA LYS B 30 -2.97 -12.61 -1.40
C LYS B 30 -3.68 -13.80 -2.00
N LEU B 31 -3.09 -14.35 -3.06
CA LEU B 31 -3.67 -15.48 -3.79
C LEU B 31 -3.12 -16.78 -3.30
N ASN B 32 -3.88 -17.84 -3.54
CA ASN B 32 -3.56 -19.15 -3.06
C ASN B 32 -2.25 -19.74 -3.58
N ASP B 33 -1.56 -19.05 -4.49
CA ASP B 33 -0.24 -19.47 -4.95
C ASP B 33 0.90 -18.57 -4.45
N GLY B 34 0.57 -17.68 -3.51
CA GLY B 34 1.56 -16.79 -2.93
C GLY B 34 1.71 -15.45 -3.60
N ASN B 35 1.11 -15.28 -4.78
CA ASN B 35 1.16 -14.01 -5.49
C ASN B 35 0.22 -13.02 -4.83
N HIS B 36 0.45 -11.74 -5.06
CA HIS B 36 -0.38 -10.66 -4.57
C HIS B 36 -0.90 -9.90 -5.80
N ILE B 37 -2.21 -9.64 -5.86
CA ILE B 37 -2.78 -8.88 -6.96
C ILE B 37 -3.34 -7.57 -6.41
N PRO B 38 -3.07 -6.43 -7.08
CA PRO B 38 -3.68 -5.22 -6.54
C PRO B 38 -5.20 -5.28 -6.57
N GLN B 39 -5.84 -4.88 -5.46
CA GLN B 39 -7.29 -5.08 -5.33
C GLN B 39 -8.11 -4.26 -6.30
N LEU B 40 -7.56 -3.13 -6.76
CA LEU B 40 -8.18 -2.36 -7.83
C LEU B 40 -7.34 -2.55 -9.09
N GLY B 41 -8.02 -2.81 -10.21
CA GLY B 41 -7.39 -2.90 -11.49
C GLY B 41 -8.18 -2.06 -12.50
N TYR B 42 -7.58 -1.80 -13.63
CA TYR B 42 -8.22 -1.08 -14.72
C TYR B 42 -8.67 -2.06 -15.79
N GLY B 43 -9.98 -2.10 -16.02
CA GLY B 43 -10.57 -2.99 -17.01
C GLY B 43 -10.61 -2.39 -18.41
N VAL B 44 -9.91 -3.03 -19.33
CA VAL B 44 -9.95 -2.67 -20.71
C VAL B 44 -11.03 -3.55 -21.31
N TRP B 45 -11.99 -2.94 -21.98
CA TRP B 45 -13.06 -3.70 -22.58
C TRP B 45 -12.93 -3.67 -24.12
N GLN B 46 -14.06 -3.65 -24.83
CA GLN B 46 -14.09 -3.70 -26.29
C GLN B 46 -13.80 -2.32 -26.82
N ILE B 47 -12.58 -1.86 -26.60
CA ILE B 47 -12.13 -0.62 -27.16
C ILE B 47 -11.03 -0.97 -28.17
N SER B 48 -10.80 -0.08 -29.14
CA SER B 48 -9.79 -0.30 -30.17
C SER B 48 -8.40 -0.22 -29.59
N ASN B 49 -7.41 -0.58 -30.38
CA ASN B 49 -6.03 -0.45 -29.96
C ASN B 49 -5.67 0.98 -29.59
N ASP B 50 -6.04 1.95 -30.43
CA ASP B 50 -5.70 3.37 -30.15
C ASP B 50 -6.35 3.85 -28.87
N GLU B 51 -7.60 3.45 -28.65
CA GLU B 51 -8.31 3.86 -27.45
C GLU B 51 -7.65 3.22 -26.25
N ALA B 52 -7.16 1.98 -26.41
CA ALA B 52 -6.54 1.28 -25.29
C ALA B 52 -5.21 1.92 -24.92
N VAL B 53 -4.45 2.39 -25.90
CA VAL B 53 -3.23 3.09 -25.58
C VAL B 53 -3.57 4.27 -24.66
N SER B 54 -4.55 5.09 -25.07
CA SER B 54 -4.90 6.27 -24.27
C SER B 54 -5.44 5.90 -22.91
N ALA B 55 -6.41 4.98 -22.87
CA ALA B 55 -7.08 4.66 -21.62
C ALA B 55 -6.13 4.00 -20.63
N VAL B 56 -5.30 3.09 -21.13
CA VAL B 56 -4.33 2.45 -20.23
C VAL B 56 -3.24 3.45 -19.79
N SER B 57 -2.83 4.33 -20.69
CA SER B 57 -1.88 5.39 -20.32
C SER B 57 -2.46 6.32 -19.26
N GLU B 58 -3.73 6.67 -19.38
CA GLU B 58 -4.38 7.47 -18.35
C GLU B 58 -4.47 6.70 -17.02
N ALA B 59 -4.85 5.42 -17.06
CA ALA B 59 -4.96 4.68 -15.82
C ALA B 59 -3.61 4.57 -15.14
N LEU B 60 -2.55 4.35 -15.90
CA LEU B 60 -1.23 4.23 -15.27
C LEU B 60 -0.85 5.57 -14.66
N LYS B 61 -1.14 6.66 -15.38
CA LYS B 61 -0.87 8.03 -14.88
C LYS B 61 -1.59 8.28 -13.56
N ALA B 62 -2.85 7.84 -13.47
CA ALA B 62 -3.65 8.03 -12.28
C ALA B 62 -3.22 7.20 -11.05
N GLY B 63 -2.37 6.19 -11.26
CA GLY B 63 -1.81 5.38 -10.20
C GLY B 63 -2.20 3.90 -10.27
N TYR B 64 -2.99 3.50 -11.27
CA TYR B 64 -3.42 2.07 -11.34
C TYR B 64 -2.14 1.32 -11.72
N ARG B 65 -1.96 0.12 -11.16
CA ARG B 65 -0.81 -0.73 -11.49
C ARG B 65 -1.26 -2.16 -11.73
N HIS B 66 -2.51 -2.33 -12.14
CA HIS B 66 -3.10 -3.62 -12.46
C HIS B 66 -3.98 -3.30 -13.68
N ILE B 67 -3.63 -3.90 -14.81
CA ILE B 67 -4.31 -3.70 -16.09
C ILE B 67 -4.89 -5.04 -16.53
N ASP B 68 -6.17 -5.06 -16.89
CA ASP B 68 -6.87 -6.27 -17.24
C ASP B 68 -7.48 -6.18 -18.65
N THR B 69 -7.10 -7.09 -19.55
CA THR B 69 -7.79 -7.19 -20.82
C THR B 69 -8.08 -8.67 -21.12
N ALA B 70 -8.57 -8.89 -22.34
CA ALA B 70 -8.83 -10.23 -22.83
C ALA B 70 -8.50 -10.27 -24.30
N THR B 71 -7.92 -11.37 -24.75
CA THR B 71 -7.45 -11.47 -26.10
C THR B 71 -8.57 -11.14 -27.11
N ILE B 72 -9.78 -11.62 -26.85
CA ILE B 72 -10.91 -11.42 -27.80
C ILE B 72 -11.30 -9.96 -28.01
N TYR B 73 -10.90 -9.06 -27.11
CA TYR B 73 -11.18 -7.65 -27.26
C TYR B 73 -10.30 -6.99 -28.34
N GLY B 74 -9.25 -7.67 -28.76
CA GLY B 74 -8.43 -7.24 -29.90
C GLY B 74 -7.59 -6.02 -29.62
N ASN B 75 -7.21 -5.83 -28.37
CA ASN B 75 -6.46 -4.62 -28.04
C ASN B 75 -5.17 -4.86 -27.29
N GLU B 76 -4.66 -6.09 -27.34
CA GLU B 76 -3.42 -6.39 -26.62
C GLU B 76 -2.24 -5.55 -27.13
N GLU B 77 -2.22 -5.21 -28.40
CA GLU B 77 -1.12 -4.38 -28.88
C GLU B 77 -1.09 -3.01 -28.25
N GLY B 78 -2.24 -2.36 -28.19
CA GLY B 78 -2.37 -1.06 -27.54
C GLY B 78 -2.09 -1.10 -26.04
N VAL B 79 -2.62 -2.11 -25.36
CA VAL B 79 -2.38 -2.26 -23.93
C VAL B 79 -0.86 -2.39 -23.69
N GLY B 80 -0.23 -3.19 -24.54
CA GLY B 80 1.21 -3.43 -24.52
C GLY B 80 2.01 -2.18 -24.73
N LYS B 81 1.65 -1.45 -25.78
CA LYS B 81 2.26 -0.17 -26.05
C LYS B 81 2.17 0.78 -24.84
N ALA B 82 0.99 0.88 -24.22
CA ALA B 82 0.84 1.78 -23.08
C ALA B 82 1.76 1.39 -21.94
N ILE B 83 1.81 0.09 -21.65
CA ILE B 83 2.59 -0.44 -20.54
C ILE B 83 4.09 -0.26 -20.78
N ASN B 84 4.53 -0.63 -21.97
CA ASN B 84 5.94 -0.60 -22.34
C ASN B 84 6.43 0.84 -22.51
N GLY B 85 5.52 1.73 -22.89
CA GLY B 85 5.84 3.14 -23.10
C GLY B 85 5.64 4.03 -21.89
N SER B 86 5.28 3.43 -20.74
CA SER B 86 4.83 4.22 -19.57
C SER B 86 5.93 4.88 -18.73
N GLY B 87 7.16 4.40 -18.88
CA GLY B 87 8.24 4.74 -17.98
C GLY B 87 8.21 4.00 -16.66
N ILE B 88 7.20 3.15 -16.46
CA ILE B 88 7.09 2.31 -15.25
C ILE B 88 7.67 0.95 -15.55
N ALA B 89 8.43 0.41 -14.61
CA ALA B 89 8.99 -0.90 -14.77
C ALA B 89 7.91 -1.96 -14.96
N ARG B 90 8.17 -2.90 -15.87
CA ARG B 90 7.24 -4.00 -16.12
C ARG B 90 6.91 -4.71 -14.81
N ALA B 91 7.94 -4.86 -13.99
CA ALA B 91 7.78 -5.58 -12.73
C ALA B 91 6.81 -4.93 -11.75
N ASP B 92 6.52 -3.63 -11.92
CA ASP B 92 5.64 -2.86 -11.05
C ASP B 92 4.19 -2.74 -11.54
N ILE B 93 3.88 -3.43 -12.65
CA ILE B 93 2.54 -3.52 -13.20
C ILE B 93 2.09 -5.00 -13.21
N PHE B 94 0.83 -5.20 -12.80
CA PHE B 94 0.19 -6.51 -12.81
C PHE B 94 -0.71 -6.57 -14.08
N LEU B 95 -0.35 -7.43 -15.02
CA LEU B 95 -1.04 -7.55 -16.32
C LEU B 95 -1.79 -8.88 -16.38
N THR B 96 -3.07 -8.79 -16.69
CA THR B 96 -3.96 -9.92 -16.87
C THR B 96 -4.43 -9.96 -18.30
N THR B 97 -4.37 -11.13 -18.94
CA THR B 97 -5.19 -11.30 -20.11
C THR B 97 -5.86 -12.67 -20.07
N LYS B 98 -6.61 -12.97 -21.12
CA LYS B 98 -7.49 -14.13 -21.06
C LYS B 98 -7.54 -14.87 -22.38
N LEU B 99 -7.52 -16.21 -22.26
CA LEU B 99 -7.55 -17.13 -23.36
C LEU B 99 -8.96 -17.25 -23.90
N TRP B 100 -9.12 -16.99 -25.19
CA TRP B 100 -10.42 -16.98 -25.81
C TRP B 100 -10.97 -18.40 -26.13
N ASN B 101 -12.28 -18.55 -26.05
CA ASN B 101 -12.96 -19.82 -26.30
C ASN B 101 -12.51 -20.68 -27.51
N SER B 102 -12.45 -20.08 -28.69
CA SER B 102 -12.05 -20.81 -29.89
C SER B 102 -10.60 -21.26 -29.91
N ASP B 103 -9.80 -20.78 -28.95
CA ASP B 103 -8.41 -21.20 -28.79
C ASP B 103 -8.25 -22.26 -27.70
N GLN B 104 -9.34 -22.72 -27.12
CA GLN B 104 -9.23 -23.74 -26.06
C GLN B 104 -8.69 -25.09 -26.58
N GLY B 105 -7.97 -25.78 -25.70
CA GLY B 105 -7.17 -26.94 -26.04
C GLY B 105 -5.76 -26.75 -25.55
N TYR B 106 -4.99 -27.82 -25.52
CA TYR B 106 -3.61 -27.73 -25.01
C TYR B 106 -2.65 -27.04 -25.97
N GLU B 107 -2.39 -27.63 -27.13
CA GLU B 107 -1.54 -26.96 -28.12
C GLU B 107 -2.05 -25.58 -28.58
N SER B 108 -3.35 -25.44 -28.76
CA SER B 108 -3.95 -24.20 -29.23
C SER B 108 -3.82 -23.07 -28.21
N THR B 109 -3.88 -23.41 -26.92
CA THR B 109 -3.65 -22.41 -25.89
C THR B 109 -2.19 -21.99 -25.86
N LEU B 110 -1.29 -22.95 -25.97
CA LEU B 110 0.13 -22.62 -26.06
C LEU B 110 0.37 -21.65 -27.22
N LYS B 111 -0.22 -21.94 -28.37
CA LYS B 111 -0.08 -21.07 -29.53
C LYS B 111 -0.67 -19.67 -29.30
N ALA B 112 -1.90 -19.60 -28.77
CA ALA B 112 -2.57 -18.31 -28.53
C ALA B 112 -1.80 -17.45 -27.54
N PHE B 113 -1.22 -18.08 -26.52
CA PHE B 113 -0.42 -17.36 -25.53
C PHE B 113 0.83 -16.74 -26.15
N ASP B 114 1.52 -17.51 -27.02
CA ASP B 114 2.68 -17.03 -27.77
CA ASP B 114 2.69 -16.98 -27.68
C ASP B 114 2.33 -15.74 -28.49
N THR B 115 1.19 -15.79 -29.18
CA THR B 115 0.73 -14.68 -30.00
C THR B 115 0.42 -13.47 -29.14
N SER B 116 -0.27 -13.69 -28.01
CA SER B 116 -0.56 -12.60 -27.05
C SER B 116 0.71 -11.95 -26.45
N LEU B 117 1.71 -12.76 -26.10
CA LEU B 117 2.96 -12.16 -25.60
C LEU B 117 3.62 -11.31 -26.69
N LYS B 118 3.57 -11.74 -27.93
CA LYS B 118 4.19 -10.96 -29.01
C LYS B 118 3.43 -9.66 -29.22
N LYS B 119 2.10 -9.70 -29.26
CA LYS B 119 1.26 -8.46 -29.29
C LYS B 119 1.52 -7.52 -28.11
N LEU B 120 1.53 -8.07 -26.89
CA LEU B 120 1.76 -7.29 -25.71
C LEU B 120 3.19 -6.76 -25.60
N GLY B 121 4.13 -7.42 -26.25
CA GLY B 121 5.53 -6.99 -26.26
C GLY B 121 6.15 -7.17 -24.88
N THR B 122 5.85 -8.30 -24.26
CA THR B 122 6.36 -8.62 -22.92
C THR B 122 6.62 -10.11 -22.85
N ASP B 123 7.38 -10.55 -21.84
CA ASP B 123 7.81 -11.95 -21.75
C ASP B 123 7.03 -12.78 -20.74
N TYR B 124 6.08 -12.16 -20.03
CA TYR B 124 5.21 -12.89 -19.14
C TYR B 124 3.94 -12.08 -18.91
N VAL B 125 2.90 -12.78 -18.47
CA VAL B 125 1.77 -12.11 -17.85
C VAL B 125 1.69 -12.52 -16.37
N ASP B 126 1.14 -11.62 -15.57
CA ASP B 126 0.99 -11.87 -14.14
C ASP B 126 -0.17 -12.81 -13.90
N LEU B 127 -1.19 -12.70 -14.73
CA LEU B 127 -2.37 -13.58 -14.59
C LEU B 127 -2.95 -13.90 -15.93
N TYR B 128 -3.18 -15.19 -16.15
CA TYR B 128 -3.78 -15.66 -17.40
C TYR B 128 -5.05 -16.34 -16.96
N LEU B 129 -6.17 -15.99 -17.57
CA LEU B 129 -7.47 -16.56 -17.23
C LEU B 129 -8.14 -17.25 -18.40
N ILE B 130 -8.82 -18.38 -18.13
CA ILE B 130 -9.72 -18.92 -19.10
C ILE B 130 -10.97 -18.04 -19.18
N HIS B 131 -11.27 -17.51 -20.35
CA HIS B 131 -12.31 -16.48 -20.47
C HIS B 131 -13.71 -17.00 -20.11
N TRP B 132 -14.04 -18.20 -20.59
CA TRP B 132 -15.34 -18.80 -20.34
C TRP B 132 -15.17 -20.29 -20.17
N PRO B 133 -16.10 -20.93 -19.43
CA PRO B 133 -16.16 -22.39 -19.35
C PRO B 133 -16.90 -22.99 -20.54
N MET B 134 -16.65 -22.41 -21.73
CA MET B 134 -17.29 -22.81 -22.97
C MET B 134 -16.21 -23.00 -24.01
N PRO B 135 -16.41 -23.98 -24.93
CA PRO B 135 -17.65 -24.72 -25.13
C PRO B 135 -17.80 -26.07 -24.44
N SER B 136 -16.78 -26.56 -23.71
CA SER B 136 -16.96 -27.86 -23.02
C SER B 136 -15.96 -28.02 -21.90
N LYS B 137 -16.32 -28.88 -20.98
CA LYS B 137 -15.50 -29.16 -19.81
C LYS B 137 -14.17 -29.74 -20.29
N ASP B 138 -14.19 -30.63 -21.29
CA ASP B 138 -12.88 -31.20 -21.73
C ASP B 138 -11.98 -30.19 -22.39
N LEU B 139 -12.55 -29.32 -23.21
CA LEU B 139 -11.74 -28.20 -23.72
C LEU B 139 -11.15 -27.28 -22.64
N PHE B 140 -11.88 -26.94 -21.59
CA PHE B 140 -11.28 -26.05 -20.60
C PHE B 140 -10.28 -26.81 -19.71
N MET B 141 -10.45 -28.12 -19.58
CA MET B 141 -9.49 -28.91 -18.82
C MET B 141 -8.17 -28.99 -19.56
N GLU B 142 -8.20 -29.07 -20.89
CA GLU B 142 -6.97 -29.12 -21.68
C GLU B 142 -6.31 -27.74 -21.69
N THR B 143 -7.15 -26.71 -21.71
CA THR B 143 -6.63 -25.34 -21.64
C THR B 143 -5.87 -25.17 -20.30
N TRP B 144 -6.49 -25.65 -19.24
CA TRP B 144 -5.92 -25.56 -17.89
C TRP B 144 -4.63 -26.33 -17.78
N ARG B 145 -4.54 -27.50 -18.43
CA ARG B 145 -3.26 -28.21 -18.51
C ARG B 145 -2.16 -27.35 -19.17
N ALA B 146 -2.49 -26.62 -20.23
CA ALA B 146 -1.57 -25.71 -20.87
C ALA B 146 -1.21 -24.58 -19.90
N PHE B 147 -2.19 -24.03 -19.17
CA PHE B 147 -1.96 -22.97 -18.18
C PHE B 147 -0.96 -23.49 -17.14
N ILE B 148 -1.13 -24.75 -16.72
CA ILE B 148 -0.26 -25.33 -15.67
C ILE B 148 1.19 -25.33 -16.16
N LYS B 149 1.36 -25.64 -17.45
CA LYS B 149 2.67 -25.76 -18.09
C LYS B 149 3.29 -24.36 -18.20
N LEU B 150 2.46 -23.40 -18.60
CA LEU B 150 2.91 -22.00 -18.71
C LEU B 150 3.37 -21.51 -17.34
N LYS B 151 2.66 -21.85 -16.29
CA LYS B 151 3.06 -21.44 -14.94
C LYS B 151 4.33 -22.18 -14.50
N GLU B 152 4.43 -23.48 -14.78
CA GLU B 152 5.66 -24.22 -14.47
C GLU B 152 6.89 -23.60 -15.16
N GLU B 153 6.71 -23.18 -16.42
CA GLU B 153 7.74 -22.49 -17.22
C GLU B 153 8.07 -21.06 -16.74
N GLY B 154 7.24 -20.48 -15.87
CA GLY B 154 7.47 -19.08 -15.42
C GLY B 154 6.97 -17.96 -16.32
N ARG B 155 6.27 -18.30 -17.40
CA ARG B 155 5.76 -17.33 -18.35
C ARG B 155 4.39 -16.72 -17.95
N VAL B 156 3.68 -17.40 -17.06
CA VAL B 156 2.43 -16.88 -16.47
C VAL B 156 2.69 -17.00 -14.96
N LYS B 157 2.51 -15.94 -14.20
CA LYS B 157 2.81 -16.04 -12.75
C LYS B 157 1.72 -16.75 -11.94
N SER B 158 0.47 -16.47 -12.26
CA SER B 158 -0.72 -17.05 -11.61
C SER B 158 -1.74 -17.45 -12.68
N ILE B 159 -2.51 -18.48 -12.40
CA ILE B 159 -3.48 -18.94 -13.34
C ILE B 159 -4.87 -18.92 -12.69
N GLY B 160 -5.86 -18.57 -13.48
CA GLY B 160 -7.23 -18.55 -12.99
C GLY B 160 -8.24 -18.63 -14.10
N VAL B 161 -9.50 -18.34 -13.77
CA VAL B 161 -10.56 -18.47 -14.74
C VAL B 161 -11.51 -17.29 -14.68
N SER B 162 -12.45 -17.24 -15.65
CA SER B 162 -13.48 -16.21 -15.69
C SER B 162 -14.81 -16.83 -16.05
N ASN B 163 -15.90 -16.31 -15.48
CA ASN B 163 -17.22 -16.74 -15.78
C ASN B 163 -17.49 -18.20 -15.47
N PHE B 164 -16.71 -18.80 -14.57
CA PHE B 164 -16.87 -20.24 -14.26
C PHE B 164 -17.98 -20.41 -13.22
N ARG B 165 -18.72 -21.49 -13.36
CA ARG B 165 -19.76 -21.85 -12.42
C ARG B 165 -19.23 -22.84 -11.40
N THR B 166 -19.99 -23.08 -10.33
CA THR B 166 -19.51 -23.94 -9.26
C THR B 166 -19.15 -25.33 -9.81
N ALA B 167 -19.96 -25.88 -10.68
CA ALA B 167 -19.69 -27.24 -11.26
C ALA B 167 -18.44 -27.27 -12.14
N ASP B 168 -18.16 -26.16 -12.83
CA ASP B 168 -16.96 -26.05 -13.64
C ASP B 168 -15.75 -26.07 -12.72
N LEU B 169 -15.78 -25.23 -11.68
CA LEU B 169 -14.71 -25.17 -10.66
C LEU B 169 -14.42 -26.52 -10.01
N GLU B 170 -15.49 -27.25 -9.69
CA GLU B 170 -15.36 -28.54 -9.02
C GLU B 170 -14.64 -29.52 -9.93
N ARG B 171 -15.01 -29.51 -11.19
CA ARG B 171 -14.38 -30.37 -12.18
C ARG B 171 -12.90 -29.98 -12.38
N LEU B 172 -12.64 -28.69 -12.46
CA LEU B 172 -11.27 -28.19 -12.64
C LEU B 172 -10.37 -28.68 -11.50
N ILE B 173 -10.81 -28.45 -10.27
CA ILE B 173 -10.02 -28.82 -9.09
C ILE B 173 -9.85 -30.34 -8.94
N LYS B 174 -10.92 -31.08 -9.17
CA LYS B 174 -10.93 -32.55 -9.03
C LYS B 174 -10.01 -33.22 -10.05
N GLU B 175 -10.16 -32.82 -11.30
CA GLU B 175 -9.44 -33.48 -12.39
C GLU B 175 -7.98 -33.05 -12.47
N SER B 176 -7.65 -31.78 -12.17
CA SER B 176 -6.27 -31.26 -12.24
C SER B 176 -5.47 -31.17 -10.91
N GLY B 177 -6.20 -31.08 -9.80
CA GLY B 177 -5.60 -30.86 -8.50
C GLY B 177 -5.01 -29.48 -8.32
N VAL B 178 -5.24 -28.59 -9.29
CA VAL B 178 -4.79 -27.21 -9.21
C VAL B 178 -6.01 -26.26 -9.18
N THR B 179 -6.12 -25.51 -8.09
CA THR B 179 -7.23 -24.60 -7.86
C THR B 179 -6.90 -23.25 -8.48
N PRO B 180 -7.82 -22.68 -9.28
CA PRO B 180 -7.54 -21.35 -9.82
C PRO B 180 -7.33 -20.30 -8.73
N VAL B 181 -6.48 -19.31 -8.96
CA VAL B 181 -6.33 -18.25 -7.94
C VAL B 181 -7.57 -17.40 -7.77
N LEU B 182 -8.30 -17.21 -8.87
CA LEU B 182 -9.49 -16.39 -8.80
C LEU B 182 -10.39 -16.76 -9.94
N ASN B 183 -11.67 -16.42 -9.79
CA ASN B 183 -12.64 -16.53 -10.83
C ASN B 183 -13.27 -15.12 -11.01
N GLN B 184 -13.11 -14.56 -12.22
CA GLN B 184 -13.57 -13.22 -12.55
C GLN B 184 -14.99 -13.31 -13.08
N ILE B 185 -15.95 -12.72 -12.36
CA ILE B 185 -17.34 -12.90 -12.66
C ILE B 185 -18.03 -11.54 -12.55
N GLU B 186 -19.10 -11.37 -13.32
CA GLU B 186 -19.94 -10.18 -13.19
C GLU B 186 -20.46 -10.09 -11.77
N LEU B 187 -20.24 -8.96 -11.12
CA LEU B 187 -20.67 -8.83 -9.74
C LEU B 187 -20.82 -7.36 -9.44
N HIS B 188 -22.03 -6.99 -8.99
CA HIS B 188 -22.34 -5.61 -8.67
C HIS B 188 -23.55 -5.63 -7.70
N PRO B 189 -23.96 -4.46 -7.18
CA PRO B 189 -24.95 -4.60 -6.08
C PRO B 189 -26.33 -5.23 -6.35
N GLN B 190 -26.75 -5.28 -7.60
CA GLN B 190 -27.96 -5.99 -7.97
C GLN B 190 -27.70 -7.44 -8.43
N PHE B 191 -26.45 -7.88 -8.40
CA PHE B 191 -26.09 -9.21 -8.89
C PHE B 191 -24.84 -9.64 -8.13
N GLN B 192 -25.05 -10.11 -6.91
CA GLN B 192 -23.97 -10.25 -5.94
C GLN B 192 -23.29 -11.60 -5.95
N GLN B 193 -23.86 -12.58 -6.66
CA GLN B 193 -23.26 -13.90 -6.85
C GLN B 193 -23.00 -14.65 -5.52
N ASP B 194 -24.03 -14.72 -4.69
CA ASP B 194 -23.86 -15.28 -3.31
C ASP B 194 -23.33 -16.72 -3.36
N GLU B 195 -24.04 -17.56 -4.11
CA GLU B 195 -23.70 -18.98 -4.35
C GLU B 195 -22.24 -19.24 -4.77
N LEU B 196 -21.77 -18.50 -5.78
CA LEU B 196 -20.37 -18.65 -6.23
C LEU B 196 -19.40 -18.13 -5.22
N ARG B 197 -19.73 -17.00 -4.59
CA ARG B 197 -18.82 -16.47 -3.59
C ARG B 197 -18.72 -17.44 -2.40
N LEU B 198 -19.80 -18.11 -2.05
CA LEU B 198 -19.76 -19.12 -0.99
C LEU B 198 -18.73 -20.18 -1.38
N PHE B 199 -18.84 -20.66 -2.61
CA PHE B 199 -17.97 -21.73 -3.11
C PHE B 199 -16.54 -21.25 -3.14
N HIS B 200 -16.32 -20.02 -3.63
CA HIS B 200 -14.99 -19.46 -3.75
C HIS B 200 -14.33 -19.52 -2.36
N GLY B 201 -15.04 -19.03 -1.35
CA GLY B 201 -14.46 -19.01 0.00
C GLY B 201 -14.06 -20.34 0.55
N LYS B 202 -14.88 -21.37 0.31
CA LYS B 202 -14.63 -22.68 0.84
C LYS B 202 -13.38 -23.34 0.20
N HIS B 203 -12.97 -22.86 -0.98
CA HIS B 203 -11.89 -23.48 -1.76
C HIS B 203 -10.75 -22.53 -2.07
N ASP B 204 -10.69 -21.40 -1.36
CA ASP B 204 -9.51 -20.51 -1.39
C ASP B 204 -9.32 -19.91 -2.82
N ILE B 205 -10.43 -19.54 -3.43
CA ILE B 205 -10.48 -18.88 -4.73
C ILE B 205 -10.90 -17.44 -4.45
N ALA B 206 -10.15 -16.47 -4.96
CA ALA B 206 -10.48 -15.06 -4.83
C ALA B 206 -11.56 -14.68 -5.81
N THR B 207 -12.36 -13.71 -5.42
CA THR B 207 -13.43 -13.23 -6.30
C THR B 207 -13.00 -11.92 -6.98
N GLU B 208 -13.10 -11.88 -8.31
CA GLU B 208 -12.77 -10.66 -9.04
C GLU B 208 -14.03 -10.28 -9.83
N ALA B 209 -14.45 -9.06 -9.60
CA ALA B 209 -15.69 -8.53 -10.14
C ALA B 209 -15.51 -7.78 -11.44
N TRP B 210 -16.03 -8.36 -12.52
CA TRP B 210 -16.20 -7.66 -13.79
CA TRP B 210 -16.15 -7.57 -13.74
C TRP B 210 -17.52 -6.86 -13.75
N SER B 211 -17.55 -5.73 -14.47
CA SER B 211 -18.64 -4.71 -14.43
CA SER B 211 -18.66 -4.78 -14.44
C SER B 211 -19.11 -4.45 -13.02
N PRO B 212 -18.16 -4.07 -12.14
CA PRO B 212 -18.48 -3.89 -10.76
C PRO B 212 -19.47 -2.76 -10.46
N LEU B 213 -19.58 -1.78 -11.38
CA LEU B 213 -20.48 -0.65 -11.22
C LEU B 213 -21.87 -0.99 -11.68
N GLY B 214 -22.01 -2.12 -12.37
CA GLY B 214 -23.29 -2.49 -12.93
C GLY B 214 -23.55 -1.65 -14.18
N LEU B 218 -27.94 1.89 -11.20
CA LEU B 218 -27.74 2.22 -9.78
C LEU B 218 -27.39 3.69 -9.53
N LEU B 219 -27.12 4.43 -10.59
CA LEU B 219 -26.71 5.84 -10.50
C LEU B 219 -27.77 6.69 -9.77
N GLU B 220 -29.03 6.26 -9.88
CA GLU B 220 -30.16 6.95 -9.25
C GLU B 220 -30.78 6.15 -8.09
N ASP B 221 -30.07 5.15 -7.55
CA ASP B 221 -30.62 4.38 -6.42
C ASP B 221 -30.65 5.27 -5.17
N PRO B 222 -31.78 5.27 -4.43
CA PRO B 222 -31.82 6.31 -3.40
C PRO B 222 -30.88 6.05 -2.21
N THR B 223 -30.71 4.78 -1.84
CA THR B 223 -29.73 4.34 -0.83
C THR B 223 -28.33 4.79 -1.21
N LEU B 224 -27.91 4.47 -2.44
CA LEU B 224 -26.55 4.82 -2.87
C LEU B 224 -26.35 6.33 -2.93
N LYS B 225 -27.36 7.07 -3.39
CA LYS B 225 -27.23 8.50 -3.46
C LYS B 225 -27.06 9.14 -2.06
N SER B 226 -27.79 8.65 -1.07
CA SER B 226 -27.69 9.22 0.27
C SER B 226 -26.30 8.91 0.83
N ILE B 227 -25.86 7.68 0.60
CA ILE B 227 -24.55 7.26 1.13
C ILE B 227 -23.43 8.05 0.45
N ALA B 228 -23.55 8.26 -0.86
CA ALA B 228 -22.63 9.11 -1.61
C ALA B 228 -22.60 10.54 -1.05
N GLU B 229 -23.76 11.15 -0.87
CA GLU B 229 -23.79 12.55 -0.40
C GLU B 229 -23.14 12.71 0.97
N LYS B 230 -23.42 11.75 1.85
CA LYS B 230 -22.93 11.75 3.23
C LYS B 230 -21.41 11.72 3.28
N HIS B 231 -20.81 10.97 2.34
CA HIS B 231 -19.35 10.86 2.26
C HIS B 231 -18.73 11.88 1.30
N ALA B 232 -19.58 12.64 0.60
CA ALA B 232 -19.12 13.54 -0.47
C ALA B 232 -18.27 12.78 -1.50
N LYS B 233 -18.81 11.66 -1.97
CA LYS B 233 -18.20 10.85 -3.01
C LYS B 233 -19.28 10.61 -4.04
N SER B 234 -18.89 10.11 -5.22
CA SER B 234 -19.85 9.72 -6.20
C SER B 234 -20.44 8.35 -5.87
N VAL B 235 -21.59 8.05 -6.44
CA VAL B 235 -22.22 6.71 -6.31
C VAL B 235 -21.26 5.61 -6.77
N ALA B 236 -20.58 5.82 -7.89
CA ALA B 236 -19.59 4.85 -8.36
C ALA B 236 -18.54 4.56 -7.30
N GLN B 237 -18.04 5.60 -6.65
CA GLN B 237 -17.02 5.41 -5.63
C GLN B 237 -17.58 4.61 -4.45
N ILE B 238 -18.83 4.90 -4.09
CA ILE B 238 -19.48 4.18 -3.02
C ILE B 238 -19.58 2.71 -3.38
N ILE B 239 -19.99 2.39 -4.61
CA ILE B 239 -20.17 1.01 -5.03
C ILE B 239 -18.84 0.27 -5.02
N LEU B 240 -17.80 0.89 -5.56
CA LEU B 240 -16.48 0.31 -5.58
C LEU B 240 -16.01 0.12 -4.13
N ARG B 241 -16.30 1.07 -3.26
CA ARG B 241 -15.85 0.94 -1.89
C ARG B 241 -16.49 -0.29 -1.24
N TRP B 242 -17.79 -0.48 -1.48
CA TRP B 242 -18.51 -1.65 -0.96
C TRP B 242 -17.81 -2.93 -1.44
N HIS B 243 -17.42 -2.99 -2.71
CA HIS B 243 -16.69 -4.16 -3.24
C HIS B 243 -15.40 -4.40 -2.46
N ILE B 244 -14.67 -3.32 -2.22
CA ILE B 244 -13.38 -3.38 -1.54
C ILE B 244 -13.55 -3.96 -0.16
N GLU B 245 -14.55 -3.48 0.56
CA GLU B 245 -14.79 -3.93 1.93
C GLU B 245 -15.22 -5.41 1.95
N THR B 246 -15.76 -5.88 0.83
CA THR B 246 -16.28 -7.24 0.69
C THR B 246 -15.12 -8.22 0.40
N GLY B 247 -13.97 -7.68 0.08
CA GLY B 247 -12.79 -8.47 -0.36
C GLY B 247 -12.72 -8.79 -1.82
N ASN B 248 -13.64 -8.26 -2.63
CA ASN B 248 -13.57 -8.37 -4.09
C ASN B 248 -12.41 -7.59 -4.71
N ILE B 249 -11.75 -8.22 -5.69
CA ILE B 249 -10.85 -7.53 -6.58
C ILE B 249 -11.77 -6.90 -7.62
N VAL B 250 -11.56 -5.63 -7.95
CA VAL B 250 -12.46 -4.91 -8.88
C VAL B 250 -11.72 -4.30 -10.05
N ILE B 251 -12.34 -4.40 -11.23
CA ILE B 251 -11.75 -3.87 -12.43
C ILE B 251 -12.69 -2.96 -13.17
N PRO B 252 -12.99 -1.80 -12.56
CA PRO B 252 -13.88 -0.89 -13.23
C PRO B 252 -13.31 -0.48 -14.63
N LYS B 253 -14.21 -0.31 -15.59
CA LYS B 253 -13.83 -0.19 -17.01
C LYS B 253 -14.25 1.12 -17.68
N SER B 254 -14.26 2.19 -16.89
CA SER B 254 -14.49 3.56 -17.37
C SER B 254 -13.47 4.08 -18.41
N ILE B 255 -13.96 4.81 -19.42
CA ILE B 255 -13.14 5.37 -20.51
C ILE B 255 -12.82 6.85 -20.34
N THR B 256 -13.67 7.61 -19.64
CA THR B 256 -13.36 9.05 -19.50
C THR B 256 -12.31 9.26 -18.42
N PRO B 257 -11.27 10.07 -18.73
CA PRO B 257 -10.23 10.42 -17.76
C PRO B 257 -10.76 10.79 -16.38
N ALA B 258 -11.83 11.58 -16.29
CA ALA B 258 -12.34 11.98 -14.97
C ALA B 258 -12.82 10.77 -14.14
N ARG B 259 -13.44 9.83 -14.83
CA ARG B 259 -14.04 8.66 -14.21
C ARG B 259 -12.94 7.64 -13.90
N ILE B 260 -11.93 7.52 -14.76
CA ILE B 260 -10.73 6.75 -14.42
C ILE B 260 -10.15 7.21 -13.09
N LYS B 261 -9.94 8.52 -12.96
CA LYS B 261 -9.39 9.09 -11.73
C LYS B 261 -10.35 8.92 -10.55
N GLU B 262 -11.63 9.13 -10.80
CA GLU B 262 -12.65 8.97 -9.77
C GLU B 262 -12.67 7.52 -9.22
N ASN B 263 -12.61 6.55 -10.10
CA ASN B 263 -12.66 5.15 -9.67
C ASN B 263 -11.45 4.73 -8.80
N PHE B 264 -10.36 5.48 -8.89
CA PHE B 264 -9.17 5.23 -8.13
C PHE B 264 -9.26 5.77 -6.71
N ASP B 265 -10.01 6.85 -6.54
CA ASP B 265 -10.06 7.56 -5.28
C ASP B 265 -11.10 6.90 -4.36
N ILE B 266 -10.79 5.68 -3.92
CA ILE B 266 -11.72 4.88 -3.11
C ILE B 266 -11.07 4.31 -1.85
N PHE B 267 -9.92 4.86 -1.48
CA PHE B 267 -9.15 4.36 -0.36
C PHE B 267 -8.93 5.39 0.74
N ASP B 268 -9.71 6.46 0.72
CA ASP B 268 -9.59 7.54 1.68
C ASP B 268 -10.86 7.67 2.53
N PHE B 269 -11.73 6.67 2.43
CA PHE B 269 -12.89 6.60 3.28
C PHE B 269 -13.33 5.15 3.52
N THR B 270 -14.28 4.96 4.43
CA THR B 270 -14.83 3.65 4.68
C THR B 270 -16.35 3.80 4.87
N LEU B 271 -17.11 2.77 4.55
CA LEU B 271 -18.53 2.76 4.90
C LEU B 271 -18.67 2.21 6.30
N ASN B 272 -19.58 2.76 7.08
CA ASN B 272 -19.92 2.15 8.35
C ASN B 272 -20.71 0.86 8.09
N GLY B 273 -20.95 0.09 9.13
CA GLY B 273 -21.58 -1.20 8.93
C GLY B 273 -22.99 -1.09 8.39
N THR B 274 -23.75 -0.10 8.86
CA THR B 274 -25.14 0.03 8.39
C THR B 274 -25.19 0.31 6.90
N ASP B 275 -24.27 1.14 6.44
CA ASP B 275 -24.33 1.58 5.06
C ASP B 275 -23.77 0.50 4.15
N HIS B 276 -22.76 -0.21 4.64
CA HIS B 276 -22.19 -1.32 3.89
C HIS B 276 -23.29 -2.37 3.75
N ASP B 277 -23.94 -2.68 4.86
CA ASP B 277 -24.98 -3.71 4.85
C ASP B 277 -26.18 -3.26 4.02
N ALA B 278 -26.41 -1.95 3.97
CA ALA B 278 -27.51 -1.41 3.15
C ALA B 278 -27.34 -1.74 1.69
N ILE B 279 -26.08 -1.76 1.26
CA ILE B 279 -25.74 -2.07 -0.14
C ILE B 279 -25.78 -3.59 -0.31
N THR B 280 -25.26 -4.33 0.68
CA THR B 280 -25.28 -5.80 0.61
C THR B 280 -26.69 -6.24 0.46
N LYS B 281 -27.57 -5.56 1.19
CA LYS B 281 -29.00 -5.87 1.21
C LYS B 281 -29.75 -5.43 -0.04
N LEU B 282 -29.06 -4.95 -1.08
CA LEU B 282 -29.73 -4.58 -2.34
C LEU B 282 -29.99 -5.80 -3.24
N ASP B 283 -29.37 -6.95 -2.93
CA ASP B 283 -29.66 -8.23 -3.61
C ASP B 283 -29.76 -9.39 -2.61
N THR C 25 -26.61 -5.33 -54.73
CA THR C 25 -27.53 -4.92 -53.62
C THR C 25 -27.46 -5.95 -52.49
N VAL C 26 -28.00 -5.65 -51.31
CA VAL C 26 -27.87 -6.57 -50.17
C VAL C 26 -28.94 -7.67 -50.15
N PRO C 27 -28.51 -8.92 -50.36
CA PRO C 27 -29.46 -10.01 -50.24
C PRO C 27 -30.09 -10.12 -48.87
N THR C 28 -31.27 -10.71 -48.83
CA THR C 28 -31.90 -11.05 -47.54
C THR C 28 -31.93 -12.58 -47.37
N VAL C 29 -31.91 -13.03 -46.12
CA VAL C 29 -32.06 -14.45 -45.78
C VAL C 29 -33.46 -14.67 -45.20
N LYS C 30 -34.17 -15.63 -45.75
CA LYS C 30 -35.49 -16.01 -45.32
C LYS C 30 -35.35 -16.86 -44.05
N LEU C 31 -36.10 -16.52 -43.00
CA LEU C 31 -36.00 -17.19 -41.71
C LEU C 31 -37.13 -18.17 -41.52
N ASN C 32 -36.96 -19.12 -40.58
CA ASN C 32 -37.97 -20.21 -40.39
C ASN C 32 -39.34 -19.69 -39.94
N ASP C 33 -39.45 -18.41 -39.56
CA ASP C 33 -40.72 -17.78 -39.20
C ASP C 33 -41.35 -16.91 -40.29
N GLY C 34 -40.81 -17.00 -41.50
CA GLY C 34 -41.27 -16.20 -42.63
C GLY C 34 -40.69 -14.78 -42.67
N ASN C 35 -39.95 -14.38 -41.62
CA ASN C 35 -39.29 -13.06 -41.61
C ASN C 35 -38.07 -13.09 -42.54
N HIS C 36 -37.54 -11.93 -42.87
CA HIS C 36 -36.35 -11.82 -43.71
C HIS C 36 -35.36 -10.91 -43.03
N ILE C 37 -34.07 -11.23 -43.15
CA ILE C 37 -33.01 -10.44 -42.56
C ILE C 37 -31.97 -10.07 -43.60
N PRO C 38 -31.50 -8.80 -43.60
CA PRO C 38 -30.41 -8.51 -44.57
C PRO C 38 -29.14 -9.30 -44.24
N GLN C 39 -28.51 -9.86 -45.28
CA GLN C 39 -27.41 -10.81 -45.06
C GLN C 39 -26.16 -10.18 -44.46
N LEU C 40 -26.02 -8.87 -44.62
CA LEU C 40 -24.94 -8.11 -44.00
C LEU C 40 -25.56 -7.16 -42.97
N GLY C 41 -24.99 -7.16 -41.77
CA GLY C 41 -25.38 -6.19 -40.74
C GLY C 41 -24.16 -5.45 -40.17
N TYR C 42 -24.42 -4.32 -39.57
CA TYR C 42 -23.43 -3.55 -38.87
C TYR C 42 -23.43 -3.91 -37.37
N GLY C 43 -22.31 -4.46 -36.92
CA GLY C 43 -22.09 -4.77 -35.52
C GLY C 43 -21.66 -3.57 -34.70
N VAL C 44 -22.50 -3.19 -33.73
CA VAL C 44 -22.22 -2.03 -32.86
C VAL C 44 -21.44 -2.49 -31.65
N TRP C 45 -20.13 -2.52 -31.80
CA TRP C 45 -19.23 -3.07 -30.78
C TRP C 45 -18.86 -2.05 -29.73
N GLN C 46 -19.14 -0.78 -30.04
CA GLN C 46 -18.69 0.35 -29.21
C GLN C 46 -19.43 0.34 -27.88
N ILE C 47 -18.70 0.64 -26.80
CA ILE C 47 -19.25 0.59 -25.44
C ILE C 47 -19.64 1.99 -24.95
N SER C 48 -19.85 2.88 -25.91
CA SER C 48 -20.08 4.26 -25.65
C SER C 48 -21.22 4.66 -26.54
N ASN C 49 -22.24 5.28 -25.92
CA ASN C 49 -23.41 5.73 -26.64
C ASN C 49 -23.05 6.71 -27.73
N ASP C 50 -22.20 7.69 -27.43
CA ASP C 50 -21.83 8.73 -28.42
C ASP C 50 -21.06 8.13 -29.57
N GLU C 51 -20.17 7.18 -29.26
CA GLU C 51 -19.48 6.43 -30.30
C GLU C 51 -20.49 5.63 -31.12
N ALA C 52 -21.50 5.05 -30.45
CA ALA C 52 -22.51 4.27 -31.18
C ALA C 52 -23.32 5.15 -32.13
N VAL C 53 -23.65 6.37 -31.69
CA VAL C 53 -24.45 7.26 -32.56
C VAL C 53 -23.73 7.52 -33.85
N SER C 54 -22.45 7.84 -33.70
CA SER C 54 -21.62 8.17 -34.84
C SER C 54 -21.50 7.01 -35.76
N ALA C 55 -21.23 5.83 -35.20
CA ALA C 55 -20.94 4.62 -35.97
C ALA C 55 -22.17 4.12 -36.71
N VAL C 56 -23.29 4.08 -35.99
CA VAL C 56 -24.56 3.68 -36.60
C VAL C 56 -25.00 4.67 -37.66
N SER C 57 -24.83 5.98 -37.41
CA SER C 57 -25.19 6.97 -38.41
CA SER C 57 -25.18 6.98 -38.41
C SER C 57 -24.37 6.78 -39.70
N GLU C 58 -23.09 6.47 -39.54
CA GLU C 58 -22.21 6.22 -40.66
C GLU C 58 -22.61 4.92 -41.38
N ALA C 59 -23.03 3.92 -40.62
CA ALA C 59 -23.45 2.62 -41.20
C ALA C 59 -24.68 2.83 -42.09
N LEU C 60 -25.66 3.57 -41.56
CA LEU C 60 -26.88 3.83 -42.29
C LEU C 60 -26.61 4.61 -43.58
N LYS C 61 -25.71 5.58 -43.49
CA LYS C 61 -25.40 6.42 -44.66
C LYS C 61 -24.73 5.59 -45.74
N ALA C 62 -23.86 4.66 -45.33
CA ALA C 62 -23.15 3.77 -46.26
C ALA C 62 -24.08 2.74 -46.93
N GLY C 63 -25.28 2.56 -46.39
CA GLY C 63 -26.24 1.63 -47.00
C GLY C 63 -26.72 0.48 -46.13
N TYR C 64 -26.08 0.28 -44.98
CA TYR C 64 -26.51 -0.79 -44.09
C TYR C 64 -27.92 -0.53 -43.60
N ARG C 65 -28.74 -1.57 -43.58
CA ARG C 65 -30.08 -1.49 -43.02
C ARG C 65 -30.35 -2.54 -41.94
N HIS C 66 -29.29 -3.15 -41.43
CA HIS C 66 -29.40 -4.17 -40.38
C HIS C 66 -28.36 -3.75 -39.38
N ILE C 67 -28.82 -3.52 -38.15
CA ILE C 67 -27.95 -3.01 -37.12
C ILE C 67 -27.99 -4.02 -35.96
N ASP C 68 -26.81 -4.42 -35.46
CA ASP C 68 -26.75 -5.50 -34.48
C ASP C 68 -25.99 -5.02 -33.25
N THR C 69 -26.70 -4.95 -32.12
CA THR C 69 -26.05 -4.67 -30.85
C THR C 69 -26.35 -5.72 -29.78
N ALA C 70 -25.85 -5.49 -28.57
CA ALA C 70 -26.13 -6.36 -27.40
C ALA C 70 -26.32 -5.45 -26.19
N THR C 71 -27.31 -5.77 -25.35
CA THR C 71 -27.59 -4.97 -24.20
C THR C 71 -26.35 -4.72 -23.33
N ILE C 72 -25.48 -5.72 -23.24
CA ILE C 72 -24.31 -5.66 -22.36
C ILE C 72 -23.33 -4.59 -22.80
N TYR C 73 -23.37 -4.20 -24.07
CA TYR C 73 -22.44 -3.21 -24.55
C TYR C 73 -22.80 -1.80 -24.06
N GLY C 74 -24.01 -1.58 -23.56
CA GLY C 74 -24.33 -0.30 -22.94
C GLY C 74 -24.50 0.84 -23.94
N ASN C 75 -24.88 0.51 -25.16
CA ASN C 75 -24.98 1.50 -26.23
C ASN C 75 -26.33 1.61 -26.87
N GLU C 76 -27.33 0.94 -26.30
CA GLU C 76 -28.65 1.02 -26.89
C GLU C 76 -29.21 2.44 -27.09
N GLU C 77 -28.99 3.34 -26.14
CA GLU C 77 -29.50 4.73 -26.29
C GLU C 77 -28.88 5.39 -27.51
N GLY C 78 -27.56 5.24 -27.66
CA GLY C 78 -26.85 5.73 -28.83
C GLY C 78 -27.37 5.15 -30.13
N VAL C 79 -27.61 3.84 -30.14
CA VAL C 79 -28.11 3.17 -31.33
C VAL C 79 -29.48 3.72 -31.67
N GLY C 80 -30.36 3.86 -30.67
CA GLY C 80 -31.70 4.35 -30.93
C GLY C 80 -31.66 5.78 -31.44
N LYS C 81 -30.77 6.60 -30.89
CA LYS C 81 -30.65 8.00 -31.34
C LYS C 81 -30.25 8.09 -32.82
N ALA C 82 -29.29 7.26 -33.23
CA ALA C 82 -28.86 7.24 -34.62
C ALA C 82 -30.01 6.78 -35.53
N ILE C 83 -30.66 5.68 -35.16
CA ILE C 83 -31.75 5.17 -35.96
C ILE C 83 -32.89 6.17 -36.06
N ASN C 84 -33.23 6.79 -34.94
CA ASN C 84 -34.37 7.74 -34.87
C ASN C 84 -34.08 9.07 -35.54
N GLY C 85 -32.80 9.46 -35.69
CA GLY C 85 -32.41 10.72 -36.38
C GLY C 85 -31.96 10.57 -37.83
N SER C 86 -32.03 9.36 -38.36
CA SER C 86 -31.44 9.05 -39.65
C SER C 86 -32.28 9.48 -40.85
N GLY C 87 -33.56 9.76 -40.66
CA GLY C 87 -34.44 10.02 -41.83
C GLY C 87 -34.96 8.73 -42.50
N ILE C 88 -34.54 7.57 -42.00
CA ILE C 88 -34.95 6.27 -42.56
C ILE C 88 -36.09 5.71 -41.74
N ALA C 89 -37.09 5.15 -42.40
CA ALA C 89 -38.23 4.59 -41.68
C ALA C 89 -37.78 3.40 -40.80
N ARG C 90 -38.32 3.35 -39.59
CA ARG C 90 -37.98 2.27 -38.66
C ARG C 90 -38.25 0.93 -39.32
N ALA C 91 -39.37 0.86 -40.04
CA ALA C 91 -39.74 -0.35 -40.79
C ALA C 91 -38.69 -0.77 -41.85
N ASP C 92 -37.84 0.14 -42.31
CA ASP C 92 -36.78 -0.19 -43.30
C ASP C 92 -35.45 -0.59 -42.67
N ILE C 93 -35.42 -0.64 -41.33
CA ILE C 93 -34.25 -1.06 -40.58
C ILE C 93 -34.52 -2.38 -39.84
N PHE C 94 -33.54 -3.27 -39.89
CA PHE C 94 -33.58 -4.52 -39.13
C PHE C 94 -32.68 -4.30 -37.91
N LEU C 95 -33.31 -4.29 -36.74
CA LEU C 95 -32.64 -4.07 -35.47
C LEU C 95 -32.61 -5.32 -34.60
N THR C 96 -31.40 -5.71 -34.18
CA THR C 96 -31.16 -6.85 -33.30
C THR C 96 -30.51 -6.36 -32.03
N THR C 97 -30.96 -6.89 -30.90
CA THR C 97 -30.20 -6.79 -29.68
C THR C 97 -30.28 -8.11 -28.93
N LYS C 98 -29.67 -8.16 -27.76
CA LYS C 98 -29.41 -9.45 -27.14
C LYS C 98 -29.51 -9.35 -25.63
N LEU C 99 -30.20 -10.33 -25.06
CA LEU C 99 -30.46 -10.46 -23.62
C LEU C 99 -29.18 -11.00 -22.94
N TRP C 100 -28.69 -10.23 -21.97
CA TRP C 100 -27.44 -10.47 -21.27
C TRP C 100 -27.60 -11.50 -20.14
N ASN C 101 -26.54 -12.30 -19.90
CA ASN C 101 -26.54 -13.44 -18.97
C ASN C 101 -27.14 -13.19 -17.59
N SER C 102 -26.82 -12.05 -16.98
CA SER C 102 -27.28 -11.74 -15.63
C SER C 102 -28.79 -11.37 -15.61
N ASP C 103 -29.38 -11.10 -16.78
CA ASP C 103 -30.80 -10.90 -16.92
C ASP C 103 -31.55 -12.15 -17.28
N GLN C 104 -30.86 -13.29 -17.36
CA GLN C 104 -31.61 -14.50 -17.73
C GLN C 104 -32.65 -14.87 -16.66
N GLY C 105 -33.73 -15.48 -17.10
CA GLY C 105 -34.92 -15.71 -16.28
C GLY C 105 -36.14 -15.10 -16.95
N TYR C 106 -37.32 -15.49 -16.50
CA TYR C 106 -38.53 -15.02 -17.16
C TYR C 106 -38.85 -13.53 -16.89
N GLU C 107 -39.16 -13.17 -15.64
CA GLU C 107 -39.50 -11.80 -15.30
C GLU C 107 -38.30 -10.87 -15.58
N SER C 108 -37.10 -11.35 -15.30
CA SER C 108 -35.90 -10.56 -15.49
C SER C 108 -35.66 -10.17 -16.94
N THR C 109 -35.96 -11.08 -17.88
CA THR C 109 -35.89 -10.79 -19.34
C THR C 109 -36.97 -9.80 -19.75
N LEU C 110 -38.18 -9.96 -19.23
CA LEU C 110 -39.25 -9.05 -19.61
C LEU C 110 -38.87 -7.62 -19.14
N LYS C 111 -38.27 -7.53 -17.93
CA LYS C 111 -37.77 -6.25 -17.42
C LYS C 111 -36.62 -5.71 -18.22
N ALA C 112 -35.62 -6.54 -18.51
CA ALA C 112 -34.46 -6.08 -19.27
C ALA C 112 -34.88 -5.61 -20.68
N PHE C 113 -35.80 -6.33 -21.29
CA PHE C 113 -36.27 -5.94 -22.61
C PHE C 113 -37.01 -4.59 -22.60
N ASP C 114 -37.91 -4.40 -21.62
CA ASP C 114 -38.67 -3.13 -21.51
C ASP C 114 -37.68 -1.96 -21.40
N THR C 115 -36.67 -2.14 -20.55
CA THR C 115 -35.63 -1.12 -20.41
C THR C 115 -34.88 -0.90 -21.70
N SER C 116 -34.55 -1.98 -22.43
CA SER C 116 -33.85 -1.85 -23.71
C SER C 116 -34.69 -1.12 -24.75
N LEU C 117 -35.98 -1.44 -24.82
CA LEU C 117 -36.85 -0.77 -25.79
C LEU C 117 -36.98 0.71 -25.46
N LYS C 118 -37.05 1.02 -24.18
CA LYS C 118 -37.10 2.41 -23.74
C LYS C 118 -35.83 3.14 -24.14
N LYS C 119 -34.68 2.50 -24.02
CA LYS C 119 -33.41 3.17 -24.38
C LYS C 119 -33.32 3.35 -25.89
N LEU C 120 -33.78 2.34 -26.62
CA LEU C 120 -33.75 2.33 -28.07
C LEU C 120 -34.77 3.32 -28.67
N GLY C 121 -35.76 3.74 -27.89
CA GLY C 121 -36.85 4.55 -28.42
C GLY C 121 -37.60 4.00 -29.60
N THR C 122 -37.94 2.72 -29.55
CA THR C 122 -38.73 2.09 -30.57
C THR C 122 -39.62 1.12 -29.83
N ASP C 123 -40.66 0.65 -30.50
CA ASP C 123 -41.64 -0.20 -29.86
C ASP C 123 -41.45 -1.68 -30.17
N TYR C 124 -40.48 -2.00 -31.00
CA TYR C 124 -40.15 -3.41 -31.25
C TYR C 124 -38.67 -3.56 -31.68
N VAL C 125 -38.14 -4.76 -31.54
CA VAL C 125 -36.89 -5.13 -32.23
C VAL C 125 -37.26 -6.19 -33.25
N ASP C 126 -36.50 -6.27 -34.34
CA ASP C 126 -36.74 -7.29 -35.37
C ASP C 126 -36.23 -8.64 -34.93
N LEU C 127 -35.17 -8.61 -34.13
CA LEU C 127 -34.61 -9.85 -33.62
C LEU C 127 -34.09 -9.67 -32.21
N TYR C 128 -34.41 -10.61 -31.33
CA TYR C 128 -33.88 -10.64 -29.93
C TYR C 128 -33.17 -11.98 -29.80
N LEU C 129 -31.92 -11.93 -29.33
CA LEU C 129 -31.13 -13.12 -29.13
C LEU C 129 -30.78 -13.33 -27.65
N ILE C 130 -30.80 -14.58 -27.20
CA ILE C 130 -30.13 -14.93 -25.93
C ILE C 130 -28.61 -14.86 -26.21
N HIS C 131 -27.91 -14.02 -25.47
CA HIS C 131 -26.51 -13.74 -25.74
C HIS C 131 -25.58 -14.96 -25.55
N TRP C 132 -25.81 -15.73 -24.50
CA TRP C 132 -25.04 -16.94 -24.23
C TRP C 132 -25.94 -18.00 -23.66
N PRO C 133 -25.58 -19.27 -23.83
CA PRO C 133 -26.30 -20.34 -23.10
C PRO C 133 -25.75 -20.49 -21.67
N MET C 134 -25.61 -19.36 -20.97
CA MET C 134 -24.99 -19.31 -19.64
C MET C 134 -25.87 -18.48 -18.78
N PRO C 135 -25.88 -18.75 -17.47
CA PRO C 135 -25.04 -19.77 -16.78
C PRO C 135 -25.73 -21.11 -16.62
N SER C 136 -26.96 -21.27 -17.09
CA SER C 136 -27.61 -22.58 -16.99
C SER C 136 -28.69 -22.82 -18.00
N LYS C 137 -28.97 -24.09 -18.24
CA LYS C 137 -30.07 -24.42 -19.13
C LYS C 137 -31.41 -23.97 -18.56
N ASP C 138 -31.60 -24.21 -17.27
CA ASP C 138 -32.83 -23.81 -16.61
C ASP C 138 -33.06 -22.29 -16.75
N LEU C 139 -32.00 -21.49 -16.66
CA LEU C 139 -32.17 -20.04 -16.81
C LEU C 139 -32.42 -19.68 -18.28
N PHE C 140 -31.68 -20.25 -19.22
CA PHE C 140 -31.92 -19.82 -20.60
C PHE C 140 -33.29 -20.30 -21.14
N MET C 141 -33.83 -21.41 -20.62
CA MET C 141 -35.15 -21.84 -21.03
C MET C 141 -36.26 -20.93 -20.53
N GLU C 142 -36.10 -20.41 -19.33
CA GLU C 142 -37.00 -19.40 -18.80
C GLU C 142 -36.89 -18.08 -19.59
N THR C 143 -35.68 -17.70 -19.98
CA THR C 143 -35.52 -16.52 -20.85
C THR C 143 -36.24 -16.80 -22.17
N TRP C 144 -36.09 -18.00 -22.71
CA TRP C 144 -36.75 -18.35 -23.97
C TRP C 144 -38.27 -18.31 -23.83
N ARG C 145 -38.81 -18.71 -22.69
CA ARG C 145 -40.24 -18.53 -22.41
C ARG C 145 -40.61 -17.05 -22.47
N ALA C 146 -39.77 -16.20 -21.90
CA ALA C 146 -40.02 -14.77 -22.02
C ALA C 146 -40.00 -14.32 -23.47
N PHE C 147 -39.05 -14.83 -24.26
CA PHE C 147 -38.92 -14.43 -25.67
C PHE C 147 -40.18 -14.83 -26.42
N ILE C 148 -40.68 -16.04 -26.17
CA ILE C 148 -41.89 -16.50 -26.81
C ILE C 148 -43.06 -15.57 -26.50
N LYS C 149 -43.18 -15.14 -25.24
CA LYS C 149 -44.19 -14.15 -24.82
C LYS C 149 -44.00 -12.81 -25.57
N LEU C 150 -42.76 -12.34 -25.67
CA LEU C 150 -42.50 -11.08 -26.37
C LEU C 150 -42.91 -11.17 -27.88
N LYS C 151 -42.64 -12.30 -28.50
CA LYS C 151 -43.01 -12.49 -29.89
C LYS C 151 -44.54 -12.50 -29.99
N GLU C 152 -45.19 -13.27 -29.13
CA GLU C 152 -46.66 -13.29 -29.07
C GLU C 152 -47.26 -11.88 -28.89
N GLU C 153 -46.60 -11.02 -28.13
CA GLU C 153 -47.07 -9.64 -27.88
C GLU C 153 -46.83 -8.72 -29.07
N GLY C 154 -46.02 -9.16 -30.03
CA GLY C 154 -45.60 -8.32 -31.15
C GLY C 154 -44.43 -7.39 -30.91
N ARG C 155 -43.78 -7.51 -29.76
CA ARG C 155 -42.71 -6.60 -29.42
CA ARG C 155 -42.69 -6.62 -29.36
C ARG C 155 -41.36 -7.08 -29.95
N VAL C 156 -41.26 -8.36 -30.29
CA VAL C 156 -40.10 -8.86 -30.98
C VAL C 156 -40.60 -9.60 -32.20
N LYS C 157 -39.98 -9.37 -33.36
CA LYS C 157 -40.49 -9.98 -34.58
C LYS C 157 -40.01 -11.42 -34.74
N SER C 158 -38.75 -11.67 -34.40
CA SER C 158 -38.13 -12.99 -34.54
C SER C 158 -37.27 -13.22 -33.31
N ILE C 159 -37.17 -14.47 -32.89
CA ILE C 159 -36.38 -14.83 -31.73
C ILE C 159 -35.30 -15.84 -32.09
N GLY C 160 -34.11 -15.58 -31.56
CA GLY C 160 -32.93 -16.40 -31.83
C GLY C 160 -32.00 -16.54 -30.66
N VAL C 161 -30.81 -17.06 -30.92
CA VAL C 161 -29.82 -17.28 -29.88
C VAL C 161 -28.44 -16.87 -30.43
N SER C 162 -27.44 -16.87 -29.54
CA SER C 162 -26.09 -16.56 -29.89
C SER C 162 -25.17 -17.40 -29.03
N ASN C 163 -24.07 -17.88 -29.63
CA ASN C 163 -23.09 -18.69 -28.90
C ASN C 163 -23.62 -20.03 -28.39
N PHE C 164 -24.74 -20.48 -28.93
CA PHE C 164 -25.33 -21.78 -28.54
C PHE C 164 -24.62 -22.92 -29.21
N ARG C 165 -24.39 -23.98 -28.44
CA ARG C 165 -23.82 -25.24 -28.93
C ARG C 165 -24.95 -26.17 -29.36
N THR C 166 -24.63 -27.19 -30.14
CA THR C 166 -25.65 -28.11 -30.58
C THR C 166 -26.43 -28.64 -29.40
N ALA C 167 -25.75 -28.99 -28.31
CA ALA C 167 -26.41 -29.51 -27.14
C ALA C 167 -27.46 -28.56 -26.59
N ASP C 168 -27.14 -27.28 -26.58
CA ASP C 168 -28.05 -26.28 -26.07
C ASP C 168 -29.25 -26.12 -26.98
N LEU C 169 -29.01 -26.12 -28.27
CA LEU C 169 -30.07 -26.02 -29.26
C LEU C 169 -31.03 -27.24 -29.19
N GLU C 170 -30.46 -28.42 -29.09
CA GLU C 170 -31.29 -29.66 -28.94
C GLU C 170 -32.27 -29.55 -27.78
N ARG C 171 -31.75 -29.20 -26.61
CA ARG C 171 -32.55 -29.10 -25.42
C ARG C 171 -33.62 -28.02 -25.56
N LEU C 172 -33.24 -26.88 -26.13
CA LEU C 172 -34.15 -25.78 -26.28
C LEU C 172 -35.31 -26.12 -27.22
N ILE C 173 -35.03 -26.87 -28.27
CA ILE C 173 -36.05 -27.21 -29.26
C ILE C 173 -36.95 -28.28 -28.67
N LYS C 174 -36.34 -29.29 -28.06
CA LYS C 174 -37.12 -30.38 -27.43
C LYS C 174 -38.07 -29.87 -26.39
N GLU C 175 -37.60 -28.95 -25.55
CA GLU C 175 -38.42 -28.53 -24.43
C GLU C 175 -39.48 -27.52 -24.82
N SER C 176 -39.16 -26.63 -25.77
CA SER C 176 -40.03 -25.49 -26.03
C SER C 176 -40.87 -25.65 -27.31
N GLY C 177 -40.35 -26.43 -28.25
CA GLY C 177 -40.93 -26.54 -29.57
C GLY C 177 -40.73 -25.40 -30.53
N VAL C 178 -39.94 -24.39 -30.12
CA VAL C 178 -39.65 -23.24 -30.95
C VAL C 178 -38.19 -23.30 -31.34
N THR C 179 -37.96 -23.36 -32.63
CA THR C 179 -36.59 -23.44 -33.18
C THR C 179 -36.08 -22.01 -33.44
N PRO C 180 -34.93 -21.65 -32.88
CA PRO C 180 -34.42 -20.28 -33.10
C PRO C 180 -34.28 -19.92 -34.58
N VAL C 181 -34.55 -18.68 -34.98
CA VAL C 181 -34.48 -18.36 -36.40
C VAL C 181 -33.00 -18.37 -36.83
N LEU C 182 -32.13 -18.09 -35.88
CA LEU C 182 -30.74 -18.10 -36.14
C LEU C 182 -29.94 -18.31 -34.86
N ASN C 183 -28.66 -18.65 -35.05
CA ASN C 183 -27.66 -18.75 -33.96
C ASN C 183 -26.46 -17.90 -34.43
N GLN C 184 -26.20 -16.83 -33.69
CA GLN C 184 -25.06 -15.97 -33.99
C GLN C 184 -23.84 -16.55 -33.30
N ILE C 185 -22.87 -17.03 -34.10
CA ILE C 185 -21.73 -17.75 -33.56
C ILE C 185 -20.44 -17.21 -34.14
N GLU C 186 -19.37 -17.39 -33.41
CA GLU C 186 -18.01 -17.16 -33.96
C GLU C 186 -17.76 -18.03 -35.16
N LEU C 187 -17.46 -17.43 -36.32
CA LEU C 187 -17.31 -18.17 -37.56
C LEU C 187 -16.44 -17.42 -38.54
N HIS C 188 -15.29 -18.01 -38.87
CA HIS C 188 -14.39 -17.40 -39.82
C HIS C 188 -13.65 -18.55 -40.49
N PRO C 189 -12.82 -18.27 -41.51
CA PRO C 189 -12.20 -19.38 -42.27
C PRO C 189 -11.38 -20.39 -41.49
N GLN C 190 -10.82 -19.99 -40.36
CA GLN C 190 -10.02 -20.90 -39.53
C GLN C 190 -10.84 -21.58 -38.40
N PHE C 191 -12.15 -21.31 -38.39
CA PHE C 191 -13.02 -21.73 -37.30
C PHE C 191 -14.43 -21.72 -37.86
N GLN C 192 -14.75 -22.77 -38.61
CA GLN C 192 -15.98 -22.77 -39.41
C GLN C 192 -17.15 -23.54 -38.82
N GLN C 193 -16.92 -24.19 -37.67
CA GLN C 193 -17.96 -24.84 -36.89
C GLN C 193 -18.83 -25.75 -37.76
N ASP C 194 -18.19 -26.69 -38.45
CA ASP C 194 -18.86 -27.53 -39.44
C ASP C 194 -20.06 -28.27 -38.88
N GLU C 195 -19.89 -28.91 -37.74
CA GLU C 195 -20.94 -29.76 -37.20
C GLU C 195 -22.10 -28.93 -36.70
N LEU C 196 -21.82 -27.76 -36.10
CA LEU C 196 -22.89 -26.88 -35.64
C LEU C 196 -23.64 -26.38 -36.87
N ARG C 197 -22.93 -26.01 -37.93
CA ARG C 197 -23.61 -25.55 -39.16
C ARG C 197 -24.49 -26.62 -39.78
N LEU C 198 -24.03 -27.87 -39.78
CA LEU C 198 -24.84 -28.97 -40.30
C LEU C 198 -26.10 -29.13 -39.46
N PHE C 199 -25.98 -29.12 -38.14
CA PHE C 199 -27.16 -29.09 -37.27
C PHE C 199 -28.08 -27.95 -37.64
N HIS C 200 -27.57 -26.73 -37.78
CA HIS C 200 -28.42 -25.63 -38.19
C HIS C 200 -29.22 -25.93 -39.46
N GLY C 201 -28.53 -26.47 -40.47
CA GLY C 201 -29.20 -26.73 -41.75
C GLY C 201 -30.29 -27.75 -41.60
N LYS C 202 -30.06 -28.75 -40.76
CA LYS C 202 -31.09 -29.80 -40.53
C LYS C 202 -32.34 -29.24 -39.82
N HIS C 203 -32.21 -28.12 -39.11
CA HIS C 203 -33.31 -27.52 -38.33
C HIS C 203 -33.79 -26.16 -38.83
N ASP C 204 -33.43 -25.82 -40.07
CA ASP C 204 -33.74 -24.50 -40.63
CA ASP C 204 -33.76 -24.51 -40.63
C ASP C 204 -33.42 -23.36 -39.68
N ILE C 205 -32.20 -23.40 -39.13
CA ILE C 205 -31.62 -22.32 -38.36
C ILE C 205 -30.59 -21.61 -39.24
N ALA C 206 -30.75 -20.30 -39.42
CA ALA C 206 -29.76 -19.55 -40.19
C ALA C 206 -28.50 -19.42 -39.34
N THR C 207 -27.35 -19.31 -40.00
CA THR C 207 -26.08 -19.13 -39.35
C THR C 207 -25.70 -17.66 -39.53
N GLU C 208 -25.47 -17.01 -38.39
CA GLU C 208 -24.99 -15.65 -38.36
C GLU C 208 -23.62 -15.61 -37.72
N ALA C 209 -22.65 -15.03 -38.45
CA ALA C 209 -21.24 -15.02 -38.08
C ALA C 209 -20.82 -13.76 -37.38
N TRP C 210 -20.39 -13.87 -36.12
CA TRP C 210 -19.65 -12.80 -35.51
C TRP C 210 -18.15 -13.15 -35.58
N SER C 211 -17.32 -12.13 -35.42
CA SER C 211 -15.90 -12.24 -35.73
C SER C 211 -15.69 -12.93 -37.08
N PRO C 212 -16.44 -12.48 -38.12
CA PRO C 212 -16.35 -13.18 -39.40
C PRO C 212 -14.97 -13.10 -40.03
N LEU C 213 -14.16 -12.12 -39.61
CA LEU C 213 -12.80 -11.95 -40.14
C LEU C 213 -11.70 -12.65 -39.31
N GLY C 214 -12.05 -13.23 -38.17
CA GLY C 214 -11.07 -13.94 -37.34
C GLY C 214 -9.94 -13.17 -36.65
N LEU C 218 -5.77 -13.83 -40.46
CA LEU C 218 -5.77 -14.09 -41.89
C LEU C 218 -5.36 -12.91 -42.79
N LEU C 219 -5.11 -11.72 -42.22
CA LEU C 219 -4.77 -10.53 -43.04
C LEU C 219 -3.53 -10.76 -43.92
N GLU C 220 -2.61 -11.59 -43.45
CA GLU C 220 -1.39 -11.88 -44.19
C GLU C 220 -1.41 -13.30 -44.82
N ASP C 221 -2.58 -13.94 -44.86
CA ASP C 221 -2.65 -15.28 -45.41
C ASP C 221 -2.35 -15.24 -46.91
N PRO C 222 -1.41 -16.10 -47.37
CA PRO C 222 -1.07 -16.10 -48.77
C PRO C 222 -2.23 -16.33 -49.73
N THR C 223 -3.11 -17.29 -49.46
CA THR C 223 -4.23 -17.54 -50.34
C THR C 223 -5.17 -16.35 -50.46
N LEU C 224 -5.55 -15.79 -49.30
CA LEU C 224 -6.45 -14.63 -49.26
C LEU C 224 -5.83 -13.37 -49.88
N LYS C 225 -4.53 -13.16 -49.68
CA LYS C 225 -3.89 -12.00 -50.30
C LYS C 225 -3.92 -12.06 -51.83
N SER C 226 -3.73 -13.23 -52.39
CA SER C 226 -3.77 -13.39 -53.84
C SER C 226 -5.17 -13.23 -54.43
N ILE C 227 -6.17 -13.82 -53.76
CA ILE C 227 -7.55 -13.61 -54.22
C ILE C 227 -7.94 -12.11 -54.16
N ALA C 228 -7.65 -11.48 -53.02
CA ALA C 228 -7.81 -10.02 -52.86
C ALA C 228 -7.20 -9.21 -54.01
N GLU C 229 -5.96 -9.55 -54.36
CA GLU C 229 -5.24 -8.82 -55.39
C GLU C 229 -5.91 -9.00 -56.73
N LYS C 230 -6.37 -10.22 -57.01
CA LYS C 230 -7.01 -10.49 -58.30
C LYS C 230 -8.24 -9.63 -58.49
N HIS C 231 -8.99 -9.41 -57.41
CA HIS C 231 -10.26 -8.69 -57.43
C HIS C 231 -10.11 -7.21 -57.06
N ALA C 232 -8.90 -6.74 -56.73
CA ALA C 232 -8.69 -5.35 -56.24
C ALA C 232 -9.58 -5.01 -55.05
N LYS C 233 -9.60 -5.94 -54.10
CA LYS C 233 -10.37 -5.85 -52.88
C LYS C 233 -9.38 -6.06 -51.75
N SER C 234 -9.80 -5.79 -50.51
CA SER C 234 -9.05 -6.14 -49.34
C SER C 234 -9.29 -7.62 -48.99
N VAL C 235 -8.41 -8.18 -48.18
CA VAL C 235 -8.62 -9.51 -47.63
C VAL C 235 -9.95 -9.56 -46.88
N ALA C 236 -10.25 -8.51 -46.10
CA ALA C 236 -11.53 -8.49 -45.35
C ALA C 236 -12.70 -8.65 -46.29
N GLN C 237 -12.67 -7.92 -47.38
CA GLN C 237 -13.77 -7.98 -48.36
C GLN C 237 -13.92 -9.38 -48.98
N ILE C 238 -12.79 -10.01 -49.30
CA ILE C 238 -12.77 -11.40 -49.79
C ILE C 238 -13.34 -12.39 -48.77
N ILE C 239 -12.92 -12.29 -47.52
CA ILE C 239 -13.52 -13.14 -46.48
C ILE C 239 -15.06 -12.95 -46.35
N LEU C 240 -15.53 -11.70 -46.33
CA LEU C 240 -16.95 -11.41 -46.18
C LEU C 240 -17.72 -11.93 -47.39
N ARG C 241 -17.12 -11.79 -48.57
CA ARG C 241 -17.67 -12.36 -49.78
C ARG C 241 -17.87 -13.87 -49.69
N TRP C 242 -16.83 -14.58 -49.26
CA TRP C 242 -16.89 -16.01 -49.04
C TRP C 242 -18.06 -16.35 -48.07
N HIS C 243 -18.18 -15.61 -46.97
CA HIS C 243 -19.33 -15.74 -46.08
C HIS C 243 -20.67 -15.58 -46.79
N ILE C 244 -20.79 -14.56 -47.62
CA ILE C 244 -22.04 -14.33 -48.37
C ILE C 244 -22.40 -15.54 -49.25
N GLU C 245 -21.41 -15.98 -50.02
CA GLU C 245 -21.55 -17.08 -50.92
C GLU C 245 -21.87 -18.42 -50.18
N THR C 246 -21.34 -18.58 -48.99
CA THR C 246 -21.62 -19.75 -48.18
C THR C 246 -23.07 -19.75 -47.60
N GLY C 247 -23.66 -18.58 -47.54
CA GLY C 247 -25.03 -18.41 -47.06
C GLY C 247 -25.09 -17.82 -45.66
N ASN C 248 -23.95 -17.46 -45.07
CA ASN C 248 -23.94 -16.94 -43.69
C ASN C 248 -24.48 -15.50 -43.70
N ILE C 249 -25.18 -15.11 -42.64
CA ILE C 249 -25.40 -13.69 -42.35
C ILE C 249 -24.14 -13.20 -41.62
N VAL C 250 -23.65 -11.99 -41.89
CA VAL C 250 -22.36 -11.60 -41.36
C VAL C 250 -22.43 -10.26 -40.66
N ILE C 251 -21.78 -10.17 -39.50
CA ILE C 251 -21.73 -8.97 -38.70
C ILE C 251 -20.25 -8.62 -38.47
N PRO C 252 -19.59 -7.95 -39.44
CA PRO C 252 -18.15 -7.65 -39.25
C PRO C 252 -17.83 -6.64 -38.15
N LYS C 253 -16.65 -6.78 -37.50
CA LYS C 253 -16.15 -5.73 -36.60
C LYS C 253 -15.42 -4.67 -37.42
N SER C 254 -16.04 -3.50 -37.59
CA SER C 254 -15.43 -2.41 -38.34
C SER C 254 -14.99 -1.31 -37.40
N ILE C 255 -13.67 -1.24 -37.19
CA ILE C 255 -13.05 -0.40 -36.19
C ILE C 255 -13.20 1.12 -36.45
N THR C 256 -13.36 1.52 -37.73
CA THR C 256 -13.37 2.94 -38.15
C THR C 256 -14.37 3.19 -39.31
N PRO C 257 -14.69 4.44 -39.57
CA PRO C 257 -15.58 4.76 -40.71
C PRO C 257 -15.15 4.22 -42.07
N ALA C 258 -13.84 4.22 -42.37
CA ALA C 258 -13.35 3.69 -43.66
C ALA C 258 -13.73 2.21 -43.81
N ARG C 259 -13.61 1.46 -42.71
CA ARG C 259 -13.84 0.04 -42.69
C ARG C 259 -15.33 -0.27 -42.77
N ILE C 260 -16.15 0.57 -42.14
CA ILE C 260 -17.58 0.46 -42.31
C ILE C 260 -17.90 0.49 -43.80
N LYS C 261 -17.41 1.50 -44.50
CA LYS C 261 -17.64 1.58 -45.94
C LYS C 261 -17.03 0.39 -46.71
N GLU C 262 -15.77 0.05 -46.41
CA GLU C 262 -15.08 -1.07 -47.08
C GLU C 262 -15.90 -2.33 -46.96
N ASN C 263 -16.34 -2.63 -45.72
CA ASN C 263 -17.04 -3.88 -45.44
C ASN C 263 -18.44 -3.99 -46.09
N PHE C 264 -19.03 -2.88 -46.53
CA PHE C 264 -20.31 -2.90 -47.26
C PHE C 264 -20.14 -3.31 -48.74
N ASP C 265 -18.95 -3.04 -49.27
CA ASP C 265 -18.71 -3.18 -50.72
C ASP C 265 -18.31 -4.60 -51.08
N ILE C 266 -19.22 -5.54 -50.89
CA ILE C 266 -18.91 -6.95 -51.04
C ILE C 266 -19.93 -7.62 -51.95
N PHE C 267 -20.66 -6.82 -52.72
CA PHE C 267 -21.77 -7.32 -53.53
C PHE C 267 -21.58 -7.02 -55.03
N ASP C 268 -20.47 -6.40 -55.40
CA ASP C 268 -20.19 -6.03 -56.77
C ASP C 268 -19.15 -6.98 -57.41
N PHE C 269 -18.93 -8.14 -56.79
CA PHE C 269 -18.06 -9.18 -57.35
C PHE C 269 -18.45 -10.53 -56.80
N THR C 270 -17.84 -11.56 -57.36
CA THR C 270 -18.04 -12.93 -56.89
CA THR C 270 -18.05 -12.93 -56.90
C THR C 270 -16.73 -13.69 -57.04
N LEU C 271 -16.53 -14.70 -56.21
CA LEU C 271 -15.34 -15.53 -56.29
C LEU C 271 -15.59 -16.68 -57.25
N ASN C 272 -14.57 -17.18 -57.92
CA ASN C 272 -14.79 -18.38 -58.68
C ASN C 272 -14.83 -19.54 -57.68
N GLY C 273 -15.17 -20.73 -58.18
CA GLY C 273 -15.31 -21.92 -57.32
C GLY C 273 -13.98 -22.30 -56.68
N THR C 274 -12.92 -22.19 -57.45
CA THR C 274 -11.60 -22.54 -56.96
C THR C 274 -11.23 -21.66 -55.77
N ASP C 275 -11.42 -20.35 -55.95
CA ASP C 275 -11.08 -19.39 -54.90
C ASP C 275 -11.95 -19.54 -53.66
N HIS C 276 -13.24 -19.66 -53.89
CA HIS C 276 -14.16 -19.93 -52.81
C HIS C 276 -13.75 -21.19 -52.03
N ASP C 277 -13.51 -22.28 -52.75
CA ASP C 277 -13.12 -23.54 -52.11
C ASP C 277 -11.74 -23.44 -51.41
N ALA C 278 -10.81 -22.66 -51.95
CA ALA C 278 -9.50 -22.46 -51.32
C ALA C 278 -9.64 -21.84 -49.91
N ILE C 279 -10.58 -20.92 -49.77
CA ILE C 279 -10.85 -20.31 -48.48
C ILE C 279 -11.49 -21.32 -47.53
N THR C 280 -12.51 -22.03 -47.98
CA THR C 280 -13.10 -23.13 -47.23
C THR C 280 -12.05 -24.12 -46.71
N LYS C 281 -11.02 -24.42 -47.51
CA LYS C 281 -9.94 -25.33 -47.08
C LYS C 281 -8.98 -24.76 -46.03
N LEU C 282 -9.17 -23.50 -45.61
CA LEU C 282 -8.37 -22.98 -44.53
C LEU C 282 -8.78 -23.56 -43.15
N ASP C 283 -9.82 -24.39 -43.08
CA ASP C 283 -10.19 -25.11 -41.85
C ASP C 283 -10.88 -26.43 -42.17
N THR D 25 34.77 2.94 50.75
CA THR D 25 33.47 3.69 51.00
C THR D 25 33.23 4.74 49.90
N VAL D 26 31.98 5.07 49.59
CA VAL D 26 31.72 6.02 48.50
C VAL D 26 31.90 7.48 48.97
N PRO D 27 32.83 8.21 48.35
CA PRO D 27 32.96 9.63 48.70
C PRO D 27 31.73 10.43 48.29
N THR D 28 31.54 11.60 48.93
CA THR D 28 30.52 12.55 48.54
C THR D 28 31.20 13.80 48.00
N VAL D 29 30.57 14.46 47.05
CA VAL D 29 31.06 15.74 46.54
C VAL D 29 30.16 16.81 47.15
N LYS D 30 30.76 17.83 47.75
CA LYS D 30 30.01 18.99 48.27
C LYS D 30 29.64 19.96 47.15
N LEU D 31 28.35 20.23 46.99
CA LEU D 31 27.90 21.08 45.92
C LEU D 31 27.82 22.54 46.35
N ASN D 32 27.60 23.44 45.38
CA ASN D 32 27.66 24.89 45.65
C ASN D 32 26.54 25.43 46.55
N ASP D 33 25.57 24.57 46.86
CA ASP D 33 24.44 24.94 47.73
C ASP D 33 24.54 24.28 49.11
N GLY D 34 25.70 23.75 49.45
CA GLY D 34 25.91 23.09 50.73
C GLY D 34 25.50 21.61 50.74
N ASN D 35 24.79 21.15 49.71
CA ASN D 35 24.30 19.74 49.66
C ASN D 35 25.46 18.84 49.30
N HIS D 36 25.34 17.55 49.54
CA HIS D 36 26.38 16.60 49.19
C HIS D 36 25.77 15.50 48.36
N ILE D 37 26.53 14.98 47.39
CA ILE D 37 26.02 13.94 46.50
C ILE D 37 27.01 12.80 46.46
N PRO D 38 26.54 11.53 46.49
CA PRO D 38 27.52 10.47 46.39
C PRO D 38 28.23 10.52 45.08
N GLN D 39 29.53 10.32 45.09
CA GLN D 39 30.31 10.52 43.86
C GLN D 39 30.05 9.45 42.81
N LEU D 40 29.56 8.30 43.22
CA LEU D 40 29.14 7.26 42.33
C LEU D 40 27.64 7.14 42.55
N GLY D 41 26.91 7.14 41.45
CA GLY D 41 25.49 6.77 41.41
C GLY D 41 25.22 5.77 40.34
N TYR D 42 23.98 5.31 40.30
CA TYR D 42 23.56 4.35 39.32
C TYR D 42 22.64 5.05 38.32
N GLY D 43 23.04 4.97 37.06
CA GLY D 43 22.33 5.52 35.91
C GLY D 43 21.28 4.55 35.41
N VAL D 44 20.03 4.90 35.69
CA VAL D 44 18.89 4.25 35.12
C VAL D 44 18.80 4.78 33.70
N TRP D 45 18.80 3.87 32.76
CA TRP D 45 18.66 4.29 31.40
C TRP D 45 17.63 3.42 30.67
N GLN D 46 17.25 2.29 31.30
CA GLN D 46 16.35 1.32 30.66
C GLN D 46 14.95 1.86 30.62
N ILE D 47 14.31 1.74 29.47
CA ILE D 47 13.07 2.51 29.25
C ILE D 47 11.84 1.67 29.66
N SER D 48 12.04 0.68 30.52
CA SER D 48 10.98 -0.16 31.02
C SER D 48 10.94 -0.06 32.54
N ASN D 49 9.73 0.13 33.06
CA ASN D 49 9.51 0.18 34.49
C ASN D 49 10.03 -1.07 35.17
N ASP D 50 9.68 -2.25 34.61
CA ASP D 50 10.02 -3.49 35.28
C ASP D 50 11.54 -3.68 35.28
N GLU D 51 12.21 -3.32 34.18
CA GLU D 51 13.67 -3.35 34.18
C GLU D 51 14.29 -2.40 35.19
N ALA D 52 13.78 -1.17 35.26
CA ALA D 52 14.26 -0.22 36.22
C ALA D 52 14.06 -0.72 37.66
N VAL D 53 12.92 -1.36 37.97
CA VAL D 53 12.78 -2.03 39.30
C VAL D 53 13.92 -2.97 39.65
N SER D 54 14.18 -3.96 38.79
CA SER D 54 15.25 -4.92 38.98
C SER D 54 16.62 -4.25 39.08
N ALA D 55 16.89 -3.34 38.15
CA ALA D 55 18.18 -2.63 38.13
C ALA D 55 18.44 -1.77 39.36
N VAL D 56 17.46 -0.95 39.73
CA VAL D 56 17.56 -0.12 40.90
C VAL D 56 17.64 -0.95 42.18
N SER D 57 16.87 -2.02 42.27
CA SER D 57 16.97 -2.94 43.41
CA SER D 57 16.98 -2.90 43.43
C SER D 57 18.39 -3.49 43.52
N GLU D 58 18.93 -3.93 42.39
CA GLU D 58 20.27 -4.47 42.34
C GLU D 58 21.29 -3.44 42.82
N ALA D 59 21.15 -2.22 42.31
CA ALA D 59 22.09 -1.14 42.64
C ALA D 59 22.06 -0.87 44.15
N LEU D 60 20.85 -0.78 44.72
CA LEU D 60 20.73 -0.54 46.15
C LEU D 60 21.30 -1.69 46.98
N LYS D 61 21.04 -2.92 46.56
CA LYS D 61 21.61 -4.13 47.19
C LYS D 61 23.14 -4.04 47.13
N ALA D 62 23.66 -3.58 46.01
CA ALA D 62 25.12 -3.50 45.78
C ALA D 62 25.77 -2.45 46.67
N GLY D 63 24.97 -1.50 47.17
CA GLY D 63 25.47 -0.42 48.01
C GLY D 63 25.39 0.97 47.44
N TYR D 64 24.96 1.09 46.19
CA TYR D 64 24.71 2.38 45.63
C TYR D 64 23.62 3.09 46.41
N ARG D 65 23.83 4.38 46.63
CA ARG D 65 22.85 5.21 47.33
C ARG D 65 22.57 6.49 46.55
N HIS D 66 22.74 6.41 45.26
CA HIS D 66 22.48 7.53 44.39
C HIS D 66 21.95 6.89 43.14
N ILE D 67 20.74 7.29 42.80
CA ILE D 67 20.02 6.74 41.67
C ILE D 67 19.65 7.87 40.71
N ASP D 68 19.94 7.69 39.42
CA ASP D 68 19.77 8.77 38.42
C ASP D 68 18.87 8.30 37.26
N THR D 69 17.74 8.98 37.05
CA THR D 69 16.93 8.70 35.87
C THR D 69 16.56 10.00 35.15
N ALA D 70 15.71 9.88 34.14
CA ALA D 70 15.18 11.07 33.40
C ALA D 70 13.73 10.79 33.05
N THR D 71 12.88 11.82 33.10
CA THR D 71 11.46 11.61 32.90
C THR D 71 11.20 10.94 31.54
N ILE D 72 11.93 11.37 30.52
CA ILE D 72 11.71 10.89 29.14
C ILE D 72 11.89 9.38 29.04
N TYR D 73 12.66 8.76 29.96
CA TYR D 73 12.87 7.31 29.87
C TYR D 73 11.68 6.51 30.32
N GLY D 74 10.68 7.13 30.93
CA GLY D 74 9.37 6.44 31.10
C GLY D 74 9.36 5.40 32.19
N ASN D 75 10.35 5.47 33.07
CA ASN D 75 10.59 4.45 34.10
C ASN D 75 10.54 4.94 35.54
N GLU D 76 10.13 6.19 35.74
CA GLU D 76 10.01 6.75 37.09
C GLU D 76 9.14 5.90 38.03
N GLU D 77 8.04 5.35 37.55
CA GLU D 77 7.27 4.42 38.43
C GLU D 77 8.07 3.24 38.91
N GLY D 78 8.81 2.58 38.02
CA GLY D 78 9.69 1.45 38.38
C GLY D 78 10.80 1.80 39.35
N VAL D 79 11.42 2.95 39.07
CA VAL D 79 12.45 3.47 39.95
C VAL D 79 11.88 3.69 41.36
N GLY D 80 10.71 4.31 41.44
CA GLY D 80 10.07 4.60 42.72
C GLY D 80 9.69 3.34 43.47
N LYS D 81 9.22 2.35 42.73
CA LYS D 81 8.86 1.09 43.34
C LYS D 81 10.07 0.36 43.93
N ALA D 82 11.22 0.44 43.25
CA ALA D 82 12.43 -0.18 43.77
C ALA D 82 12.88 0.52 45.04
N ILE D 83 12.94 1.85 45.01
CA ILE D 83 13.35 2.63 46.18
C ILE D 83 12.43 2.38 47.40
N ASN D 84 11.14 2.53 47.18
CA ASN D 84 10.19 2.32 48.27
C ASN D 84 10.10 0.88 48.81
N GLY D 85 10.39 -0.11 47.97
CA GLY D 85 10.38 -1.49 48.43
C GLY D 85 11.68 -1.99 49.05
N SER D 86 12.72 -1.13 49.04
CA SER D 86 14.07 -1.54 49.37
C SER D 86 14.31 -1.69 50.86
N GLY D 87 13.43 -1.14 51.68
CA GLY D 87 13.66 -1.05 53.14
C GLY D 87 14.76 -0.08 53.57
N ILE D 88 15.26 0.73 52.65
CA ILE D 88 16.26 1.78 52.94
C ILE D 88 15.48 3.06 53.07
N ALA D 89 15.86 3.89 54.04
CA ALA D 89 15.22 5.17 54.25
C ALA D 89 15.37 6.02 52.97
N ARG D 90 14.27 6.66 52.56
CA ARG D 90 14.30 7.61 51.46
C ARG D 90 15.39 8.66 51.67
N ALA D 91 15.51 9.14 52.91
CA ALA D 91 16.58 10.09 53.30
C ALA D 91 18.01 9.58 53.00
N ASP D 92 18.19 8.26 52.94
CA ASP D 92 19.52 7.68 52.72
C ASP D 92 19.80 7.40 51.24
N ILE D 93 18.89 7.86 50.37
CA ILE D 93 19.02 7.67 48.94
C ILE D 93 19.04 9.08 48.29
N PHE D 94 19.97 9.29 47.36
CA PHE D 94 20.04 10.52 46.58
C PHE D 94 19.39 10.21 45.23
N LEU D 95 18.27 10.87 44.96
CA LEU D 95 17.51 10.58 43.73
C LEU D 95 17.54 11.77 42.79
N THR D 96 17.86 11.49 41.53
CA THR D 96 17.92 12.53 40.48
C THR D 96 16.97 12.19 39.34
N THR D 97 16.25 13.18 38.84
CA THR D 97 15.53 13.01 37.58
C THR D 97 15.65 14.26 36.79
N LYS D 98 15.06 14.28 35.59
CA LYS D 98 15.33 15.36 34.64
C LYS D 98 14.09 15.77 33.87
N LEU D 99 13.90 17.08 33.79
CA LEU D 99 12.79 17.73 33.10
C LEU D 99 13.05 17.59 31.59
N TRP D 100 12.09 17.01 30.88
CA TRP D 100 12.17 16.73 29.46
C TRP D 100 11.81 17.94 28.58
N ASN D 101 12.48 18.06 27.43
CA ASN D 101 12.39 19.21 26.50
C ASN D 101 10.98 19.71 26.20
N SER D 102 10.06 18.79 25.93
CA SER D 102 8.72 19.20 25.57
C SER D 102 7.91 19.72 26.78
N ASP D 103 8.42 19.52 28.01
CA ASP D 103 7.80 20.06 29.22
C ASP D 103 8.42 21.37 29.66
N GLN D 104 9.43 21.83 28.93
CA GLN D 104 10.04 23.12 29.26
C GLN D 104 9.06 24.29 29.18
N GLY D 105 9.28 25.24 30.08
CA GLY D 105 8.35 26.32 30.36
C GLY D 105 8.14 26.38 31.86
N TYR D 106 7.48 27.42 32.37
CA TYR D 106 7.35 27.58 33.83
C TYR D 106 6.23 26.67 34.40
N GLU D 107 4.99 26.92 33.98
CA GLU D 107 3.86 26.14 34.48
C GLU D 107 3.99 24.68 34.05
N SER D 108 4.48 24.48 32.84
CA SER D 108 4.61 23.11 32.35
C SER D 108 5.65 22.31 33.15
N THR D 109 6.72 22.96 33.62
CA THR D 109 7.72 22.28 34.46
C THR D 109 7.12 21.95 35.81
N LEU D 110 6.37 22.89 36.37
CA LEU D 110 5.79 22.61 37.69
C LEU D 110 4.86 21.40 37.56
N LYS D 111 4.12 21.34 36.45
CA LYS D 111 3.17 20.28 36.21
C LYS D 111 3.88 18.92 35.98
N ALA D 112 4.92 18.89 35.15
CA ALA D 112 5.67 17.68 34.82
C ALA D 112 6.37 17.15 36.07
N PHE D 113 6.91 18.06 36.85
CA PHE D 113 7.51 17.67 38.09
C PHE D 113 6.54 16.99 39.04
N ASP D 114 5.33 17.54 39.19
CA ASP D 114 4.35 17.01 40.10
C ASP D 114 4.02 15.57 39.68
N THR D 115 3.88 15.40 38.37
CA THR D 115 3.54 14.11 37.80
C THR D 115 4.66 13.09 38.09
N SER D 116 5.90 13.54 37.94
CA SER D 116 7.07 12.68 38.18
C SER D 116 7.10 12.28 39.68
N LEU D 117 6.86 13.21 40.58
CA LEU D 117 6.77 12.85 42.02
C LEU D 117 5.70 11.80 42.30
N LYS D 118 4.55 11.92 41.67
CA LYS D 118 3.48 10.94 41.81
C LYS D 118 3.90 9.57 41.33
N LYS D 119 4.59 9.53 40.19
CA LYS D 119 5.16 8.30 39.67
C LYS D 119 6.24 7.77 40.59
N LEU D 120 7.09 8.63 41.11
CA LEU D 120 8.19 8.19 41.97
C LEU D 120 7.72 7.69 43.35
N GLY D 121 6.52 8.09 43.73
CA GLY D 121 6.03 7.83 45.08
C GLY D 121 6.88 8.46 46.18
N THR D 122 7.27 9.71 45.97
CA THR D 122 8.05 10.43 46.97
C THR D 122 7.75 11.91 46.85
N ASP D 123 7.94 12.64 47.95
CA ASP D 123 7.52 14.01 48.04
CA ASP D 123 7.50 14.01 47.97
C ASP D 123 8.63 14.98 47.68
N TYR D 124 9.81 14.47 47.33
CA TYR D 124 10.88 15.34 46.88
C TYR D 124 11.90 14.58 46.01
N VAL D 125 12.70 15.31 45.22
CA VAL D 125 13.90 14.70 44.61
C VAL D 125 15.10 15.44 45.17
N ASP D 126 16.26 14.76 45.16
CA ASP D 126 17.48 15.36 45.66
C ASP D 126 18.11 16.29 44.64
N LEU D 127 17.99 15.92 43.37
CA LEU D 127 18.47 16.77 42.30
C LEU D 127 17.50 16.71 41.12
N TYR D 128 17.19 17.89 40.56
CA TYR D 128 16.43 17.99 39.33
C TYR D 128 17.28 18.67 38.30
N LEU D 129 17.41 18.07 37.12
CA LEU D 129 18.17 18.62 36.00
C LEU D 129 17.28 19.00 34.83
N ILE D 130 17.62 20.12 34.19
CA ILE D 130 17.13 20.40 32.81
C ILE D 130 17.86 19.42 31.89
N HIS D 131 17.13 18.55 31.18
CA HIS D 131 17.74 17.47 30.42
C HIS D 131 18.55 17.97 29.24
N TRP D 132 18.00 18.94 28.51
CA TRP D 132 18.75 19.55 27.40
C TRP D 132 18.57 21.06 27.38
N PRO D 133 19.56 21.77 26.81
CA PRO D 133 19.33 23.22 26.56
C PRO D 133 18.53 23.46 25.29
N MET D 134 17.45 22.69 25.09
CA MET D 134 16.64 22.73 23.88
C MET D 134 15.17 22.76 24.29
N PRO D 135 14.30 23.34 23.44
CA PRO D 135 14.60 23.93 22.13
C PRO D 135 15.00 25.40 22.13
N SER D 136 14.98 26.11 23.25
CA SER D 136 15.39 27.54 23.21
C SER D 136 15.86 28.05 24.54
N LYS D 137 16.69 29.10 24.48
CA LYS D 137 17.13 29.77 25.70
C LYS D 137 15.94 30.31 26.48
N ASP D 138 14.97 30.90 25.78
CA ASP D 138 13.79 31.42 26.47
C ASP D 138 13.06 30.35 27.28
N LEU D 139 12.97 29.12 26.75
CA LEU D 139 12.23 28.07 27.40
C LEU D 139 13.05 27.53 28.57
N PHE D 140 14.38 27.44 28.42
CA PHE D 140 15.15 26.81 29.51
C PHE D 140 15.30 27.76 30.68
N MET D 141 15.20 29.07 30.44
CA MET D 141 15.23 30.03 31.51
C MET D 141 13.92 30.01 32.24
N GLU D 142 12.83 29.84 31.51
CA GLU D 142 11.53 29.73 32.17
C GLU D 142 11.52 28.45 33.02
N THR D 143 12.12 27.38 32.46
CA THR D 143 12.24 26.14 33.20
C THR D 143 13.08 26.29 34.47
N TRP D 144 14.23 26.93 34.36
CA TRP D 144 15.04 27.29 35.52
C TRP D 144 14.24 28.11 36.57
N ARG D 145 13.45 29.07 36.12
CA ARG D 145 12.62 29.84 37.05
C ARG D 145 11.74 28.90 37.88
N ALA D 146 11.21 27.90 37.21
CA ALA D 146 10.36 26.91 37.90
C ALA D 146 11.22 26.07 38.86
N PHE D 147 12.42 25.69 38.43
CA PHE D 147 13.34 24.96 39.30
C PHE D 147 13.64 25.74 40.57
N ILE D 148 13.89 27.04 40.42
CA ILE D 148 14.15 27.89 41.60
C ILE D 148 12.95 27.84 42.54
N LYS D 149 11.76 28.00 41.98
CA LYS D 149 10.52 27.91 42.75
C LYS D 149 10.45 26.59 43.53
N LEU D 150 10.71 25.49 42.84
CA LEU D 150 10.62 24.16 43.47
C LEU D 150 11.64 23.98 44.59
N LYS D 151 12.82 24.57 44.41
CA LYS D 151 13.83 24.51 45.45
C LYS D 151 13.41 25.32 46.66
N GLU D 152 12.83 26.50 46.45
CA GLU D 152 12.32 27.31 47.57
C GLU D 152 11.23 26.57 48.31
N GLU D 153 10.38 25.86 47.58
CA GLU D 153 9.34 25.02 48.19
C GLU D 153 9.88 23.78 48.92
N GLY D 154 11.15 23.46 48.69
CA GLY D 154 11.81 22.30 49.31
C GLY D 154 11.54 20.97 48.62
N ARG D 155 10.94 20.99 47.44
CA ARG D 155 10.53 19.77 46.75
C ARG D 155 11.67 19.25 45.92
N VAL D 156 12.67 20.11 45.69
CA VAL D 156 13.91 19.73 45.03
C VAL D 156 15.02 20.26 45.91
N LYS D 157 15.99 19.42 46.26
CA LYS D 157 17.03 19.84 47.22
C LYS D 157 18.12 20.63 46.52
N SER D 158 18.49 20.22 45.30
CA SER D 158 19.52 20.87 44.52
C SER D 158 19.09 20.92 43.07
N ILE D 159 19.44 21.99 42.37
CA ILE D 159 19.05 22.14 40.96
C ILE D 159 20.30 22.23 40.08
N GLY D 160 20.21 21.53 38.94
CA GLY D 160 21.33 21.41 37.99
C GLY D 160 20.88 21.34 36.54
N VAL D 161 21.80 20.99 35.64
CA VAL D 161 21.50 20.93 34.22
C VAL D 161 22.21 19.71 33.61
N SER D 162 21.87 19.41 32.37
CA SER D 162 22.47 18.31 31.65
C SER D 162 22.65 18.76 30.20
N ASN D 163 23.74 18.29 29.60
CA ASN D 163 24.09 18.59 28.23
C ASN D 163 24.22 20.08 27.96
N PHE D 164 24.42 20.89 29.01
CA PHE D 164 24.58 22.35 28.81
C PHE D 164 25.97 22.69 28.28
N ARG D 165 26.01 23.64 27.37
CA ARG D 165 27.25 24.13 26.79
C ARG D 165 27.66 25.32 27.59
N THR D 166 28.91 25.71 27.45
CA THR D 166 29.40 26.89 28.14
C THR D 166 28.50 28.11 27.95
N ALA D 167 28.14 28.45 26.70
CA ALA D 167 27.32 29.62 26.45
C ALA D 167 25.98 29.54 27.15
N ASP D 168 25.45 28.32 27.29
CA ASP D 168 24.19 28.11 27.98
C ASP D 168 24.39 28.43 29.43
N LEU D 169 25.49 27.92 29.98
CA LEU D 169 25.77 28.12 31.40
C LEU D 169 25.98 29.59 31.73
N GLU D 170 26.75 30.29 30.89
CA GLU D 170 26.98 31.73 31.02
C GLU D 170 25.66 32.48 31.11
N ARG D 171 24.78 32.27 30.13
CA ARG D 171 23.46 32.94 30.14
C ARG D 171 22.67 32.63 31.39
N LEU D 172 22.61 31.34 31.73
CA LEU D 172 21.87 30.84 32.91
C LEU D 172 22.30 31.53 34.21
N ILE D 173 23.62 31.58 34.43
CA ILE D 173 24.19 32.16 35.62
C ILE D 173 23.97 33.68 35.63
N LYS D 174 24.26 34.28 34.49
CA LYS D 174 24.15 35.72 34.30
C LYS D 174 22.74 36.24 34.54
N GLU D 175 21.74 35.56 34.00
CA GLU D 175 20.33 36.02 34.08
C GLU D 175 19.64 35.69 35.41
N SER D 176 19.94 34.53 35.98
CA SER D 176 19.20 34.05 37.13
C SER D 176 19.90 34.27 38.48
N GLY D 177 21.22 34.29 38.47
CA GLY D 177 21.97 34.38 39.73
C GLY D 177 22.11 33.01 40.40
N VAL D 178 21.55 31.97 39.81
CA VAL D 178 21.64 30.66 40.43
C VAL D 178 22.49 29.74 39.58
N THR D 179 23.69 29.42 40.06
CA THR D 179 24.57 28.48 39.36
C THR D 179 24.12 27.02 39.58
N PRO D 180 24.05 26.23 38.50
CA PRO D 180 23.68 24.82 38.68
C PRO D 180 24.74 24.09 39.49
N VAL D 181 24.30 23.26 40.42
CA VAL D 181 25.21 22.51 41.26
C VAL D 181 26.11 21.63 40.38
N LEU D 182 25.56 21.12 39.28
CA LEU D 182 26.32 20.27 38.38
C LEU D 182 25.77 20.37 36.97
N ASN D 183 26.59 19.91 36.02
CA ASN D 183 26.19 19.76 34.62
C ASN D 183 26.52 18.30 34.23
N GLN D 184 25.48 17.51 33.98
CA GLN D 184 25.67 16.12 33.58
C GLN D 184 25.93 16.06 32.10
N ILE D 185 27.14 15.69 31.73
CA ILE D 185 27.54 15.65 30.33
C ILE D 185 28.17 14.31 29.98
N GLU D 186 28.09 13.95 28.70
CA GLU D 186 28.79 12.77 28.22
C GLU D 186 30.30 12.97 28.45
N LEU D 187 30.91 12.09 29.24
CA LEU D 187 32.34 12.25 29.53
C LEU D 187 32.98 10.86 29.74
N HIS D 188 34.01 10.60 28.95
CA HIS D 188 34.81 9.36 29.03
C HIS D 188 36.23 9.57 28.48
N PRO D 189 37.12 8.56 28.61
CA PRO D 189 38.51 8.76 28.15
C PRO D 189 38.71 9.17 26.69
N GLN D 190 37.77 8.84 25.83
CA GLN D 190 37.87 9.31 24.44
C GLN D 190 37.07 10.58 24.18
N PHE D 191 36.60 11.23 25.24
CA PHE D 191 35.74 12.42 25.14
C PHE D 191 35.75 13.13 26.47
N GLN D 192 36.86 13.78 26.77
CA GLN D 192 37.10 14.19 28.17
C GLN D 192 36.58 15.59 28.50
N GLN D 193 35.99 16.29 27.53
CA GLN D 193 35.26 17.57 27.80
C GLN D 193 36.14 18.60 28.50
N ASP D 194 37.36 18.74 28.01
CA ASP D 194 38.32 19.69 28.59
C ASP D 194 37.74 21.10 28.82
N GLU D 195 37.02 21.61 27.83
CA GLU D 195 36.51 22.98 27.88
C GLU D 195 35.42 23.18 28.92
N LEU D 196 34.46 22.27 29.01
CA LEU D 196 33.42 22.37 30.03
C LEU D 196 34.04 22.15 31.41
N ARG D 197 34.92 21.16 31.57
CA ARG D 197 35.49 20.93 32.90
C ARG D 197 36.23 22.13 33.44
N LEU D 198 36.97 22.79 32.56
CA LEU D 198 37.64 24.08 32.87
C LEU D 198 36.61 25.11 33.34
N PHE D 199 35.61 25.38 32.51
CA PHE D 199 34.53 26.29 32.86
C PHE D 199 33.84 25.92 34.20
N HIS D 200 33.48 24.65 34.36
CA HIS D 200 32.85 24.17 35.60
C HIS D 200 33.67 24.54 36.85
N GLY D 201 34.96 24.21 36.79
CA GLY D 201 35.85 24.41 37.91
C GLY D 201 36.00 25.87 38.28
N LYS D 202 35.93 26.74 37.28
CA LYS D 202 36.01 28.19 37.47
C LYS D 202 34.72 28.82 37.99
N HIS D 203 33.60 28.08 37.94
CA HIS D 203 32.28 28.63 38.26
C HIS D 203 31.52 27.84 39.36
N ASP D 204 32.23 26.98 40.08
CA ASP D 204 31.68 26.17 41.17
C ASP D 204 30.58 25.21 40.71
N ILE D 205 30.71 24.67 39.49
CA ILE D 205 29.78 23.67 39.00
C ILE D 205 30.48 22.32 39.05
N ALA D 206 29.84 21.28 39.57
CA ALA D 206 30.43 19.93 39.55
C ALA D 206 30.24 19.32 38.19
N THR D 207 31.19 18.47 37.80
CA THR D 207 31.11 17.76 36.53
C THR D 207 30.52 16.38 36.83
N GLU D 208 29.44 16.06 36.16
CA GLU D 208 28.86 14.71 36.27
C GLU D 208 28.90 14.03 34.92
N ALA D 209 29.47 12.81 34.88
CA ALA D 209 29.73 12.09 33.64
C ALA D 209 28.65 11.02 33.35
N TRP D 210 27.85 11.25 32.31
CA TRP D 210 27.00 10.25 31.76
C TRP D 210 27.78 9.49 30.71
N SER D 211 27.40 8.23 30.54
CA SER D 211 28.18 7.23 29.81
C SER D 211 29.66 7.34 30.16
N PRO D 212 29.99 7.20 31.46
CA PRO D 212 31.38 7.33 31.89
C PRO D 212 32.32 6.30 31.30
N LEU D 213 31.77 5.16 30.88
CA LEU D 213 32.55 4.06 30.34
C LEU D 213 32.62 4.12 28.81
N GLY D 214 31.88 5.03 28.20
CA GLY D 214 31.98 5.21 26.75
C GLY D 214 31.31 4.10 25.97
N LYS D 217 32.96 0.99 24.37
CA LYS D 217 33.87 1.36 23.27
C LYS D 217 35.37 1.22 23.61
N LEU D 218 35.70 1.33 24.90
CA LEU D 218 37.09 1.42 25.37
C LEU D 218 37.56 0.13 26.05
N LEU D 219 36.70 -0.87 26.12
CA LEU D 219 37.06 -2.15 26.75
C LEU D 219 38.34 -2.81 26.21
N GLU D 220 38.63 -2.63 24.93
CA GLU D 220 39.86 -3.20 24.35
C GLU D 220 40.98 -2.17 24.11
N ASP D 221 40.85 -0.98 24.68
CA ASP D 221 41.90 0.01 24.51
C ASP D 221 43.15 -0.49 25.25
N PRO D 222 44.30 -0.59 24.52
CA PRO D 222 45.51 -1.15 25.15
C PRO D 222 46.09 -0.31 26.29
N THR D 223 45.93 1.00 26.23
CA THR D 223 46.44 1.84 27.32
C THR D 223 45.65 1.48 28.58
N LEU D 224 44.32 1.53 28.47
CA LEU D 224 43.44 1.20 29.58
C LEU D 224 43.60 -0.25 30.02
N LYS D 225 43.83 -1.18 29.09
CA LYS D 225 44.05 -2.59 29.52
C LYS D 225 45.41 -2.76 30.25
N SER D 226 46.42 -2.01 29.81
CA SER D 226 47.71 -2.03 30.50
C SER D 226 47.64 -1.51 31.94
N ILE D 227 46.92 -0.42 32.12
CA ILE D 227 46.67 0.17 33.47
C ILE D 227 45.87 -0.82 34.31
N ALA D 228 44.82 -1.42 33.73
CA ALA D 228 44.03 -2.44 34.43
C ALA D 228 44.90 -3.61 34.87
N GLU D 229 45.72 -4.13 33.97
CA GLU D 229 46.60 -5.25 34.31
C GLU D 229 47.55 -4.91 35.49
N LYS D 230 48.17 -3.74 35.42
CA LYS D 230 49.14 -3.30 36.44
C LYS D 230 48.51 -3.23 37.86
N HIS D 231 47.23 -2.86 37.89
CA HIS D 231 46.45 -2.70 39.14
C HIS D 231 45.59 -3.91 39.54
N ALA D 232 45.60 -4.95 38.71
CA ALA D 232 44.71 -6.10 38.93
C ALA D 232 43.24 -5.68 39.12
N LYS D 233 42.81 -4.74 38.28
CA LYS D 233 41.41 -4.29 38.22
C LYS D 233 40.93 -4.43 36.77
N SER D 234 39.64 -4.30 36.57
CA SER D 234 39.05 -4.36 35.22
C SER D 234 39.18 -3.00 34.54
N VAL D 235 39.07 -2.97 33.22
CA VAL D 235 39.11 -1.71 32.47
C VAL D 235 37.98 -0.77 32.90
N ALA D 236 36.78 -1.29 33.11
CA ALA D 236 35.67 -0.46 33.67
C ALA D 236 36.08 0.19 35.00
N GLN D 237 36.68 -0.59 35.91
CA GLN D 237 37.10 -0.07 37.21
C GLN D 237 38.20 1.00 37.10
N ILE D 238 39.14 0.86 36.18
CA ILE D 238 40.14 1.89 35.94
C ILE D 238 39.54 3.14 35.42
N ILE D 239 38.63 2.98 34.45
CA ILE D 239 37.98 4.14 33.90
C ILE D 239 37.26 4.95 35.00
N LEU D 240 36.47 4.26 35.79
CA LEU D 240 35.70 4.93 36.86
C LEU D 240 36.63 5.56 37.89
N ARG D 241 37.72 4.87 38.23
CA ARG D 241 38.68 5.48 39.16
C ARG D 241 39.29 6.77 38.62
N TRP D 242 39.56 6.83 37.30
CA TRP D 242 40.12 8.02 36.68
C TRP D 242 39.10 9.14 36.88
N HIS D 243 37.83 8.86 36.60
CA HIS D 243 36.77 9.82 36.86
C HIS D 243 36.78 10.32 38.30
N ILE D 244 36.86 9.37 39.23
CA ILE D 244 36.82 9.68 40.69
C ILE D 244 37.95 10.66 41.03
N GLU D 245 39.15 10.35 40.55
CA GLU D 245 40.35 11.11 40.90
C GLU D 245 40.47 12.45 40.22
N THR D 246 39.81 12.61 39.07
CA THR D 246 39.75 13.91 38.43
C THR D 246 38.56 14.75 38.96
N GLY D 247 37.75 14.16 39.84
CA GLY D 247 36.74 14.91 40.58
C GLY D 247 35.35 14.82 39.99
N ASN D 248 35.14 13.94 38.99
CA ASN D 248 33.82 13.78 38.37
C ASN D 248 32.91 12.98 39.27
N ILE D 249 31.62 13.33 39.28
CA ILE D 249 30.59 12.42 39.76
C ILE D 249 30.28 11.47 38.59
N VAL D 250 30.00 10.19 38.82
CA VAL D 250 29.86 9.26 37.69
C VAL D 250 28.61 8.45 37.86
N ILE D 251 27.84 8.27 36.76
CA ILE D 251 26.61 7.45 36.81
C ILE D 251 26.64 6.33 35.76
N PRO D 252 27.51 5.31 35.96
CA PRO D 252 27.57 4.18 35.04
C PRO D 252 26.23 3.50 34.99
N LYS D 253 25.84 3.08 33.79
CA LYS D 253 24.49 2.67 33.52
C LYS D 253 24.38 1.21 33.13
N SER D 254 25.35 0.41 33.53
CA SER D 254 25.35 -1.03 33.21
C SER D 254 24.05 -1.70 33.67
N ILE D 255 23.50 -2.59 32.86
CA ILE D 255 22.27 -3.30 33.24
C ILE D 255 22.44 -4.70 33.88
N THR D 256 23.63 -5.32 33.81
CA THR D 256 23.72 -6.66 34.38
C THR D 256 24.20 -6.53 35.82
N PRO D 257 23.66 -7.39 36.72
CA PRO D 257 24.12 -7.38 38.10
C PRO D 257 25.65 -7.43 38.25
N ALA D 258 26.32 -8.24 37.43
CA ALA D 258 27.77 -8.40 37.56
C ALA D 258 28.46 -7.07 37.33
N ARG D 259 28.01 -6.33 36.31
CA ARG D 259 28.64 -5.06 35.92
C ARG D 259 28.26 -4.02 36.95
N ILE D 260 26.99 -4.01 37.33
CA ILE D 260 26.52 -3.20 38.47
C ILE D 260 27.41 -3.38 39.71
N LYS D 261 27.71 -4.62 40.09
CA LYS D 261 28.59 -4.84 41.24
C LYS D 261 30.05 -4.43 40.90
N GLU D 262 30.50 -4.71 39.68
CA GLU D 262 31.87 -4.40 39.23
C GLU D 262 32.18 -2.91 39.32
N ASN D 263 31.25 -2.10 38.82
CA ASN D 263 31.38 -0.66 38.79
C ASN D 263 31.39 -0.01 40.18
N PHE D 264 30.86 -0.70 41.18
CA PHE D 264 30.88 -0.21 42.55
C PHE D 264 32.24 -0.38 43.20
N ASP D 265 33.01 -1.36 42.76
CA ASP D 265 34.23 -1.77 43.46
C ASP D 265 35.36 -0.90 42.94
N ILE D 266 35.31 0.39 43.23
CA ILE D 266 36.30 1.34 42.69
C ILE D 266 36.94 2.23 43.76
N PHE D 267 36.79 1.80 45.01
CA PHE D 267 37.16 2.63 46.14
C PHE D 267 38.19 1.98 47.05
N ASP D 268 38.80 0.90 46.58
CA ASP D 268 39.81 0.15 47.34
C ASP D 268 41.20 0.29 46.72
N PHE D 269 41.34 1.17 45.72
CA PHE D 269 42.65 1.40 45.08
C PHE D 269 42.80 2.80 44.57
N THR D 270 44.02 3.16 44.20
CA THR D 270 44.23 4.44 43.51
C THR D 270 45.08 4.27 42.24
N LEU D 271 44.92 5.20 41.30
CA LEU D 271 45.74 5.24 40.11
C LEU D 271 47.11 5.86 40.42
N ASN D 272 48.05 5.66 39.51
CA ASN D 272 49.40 6.23 39.63
C ASN D 272 49.47 7.43 38.72
N GLY D 273 50.43 8.31 38.99
CA GLY D 273 50.65 9.49 38.17
C GLY D 273 50.81 9.15 36.72
N THR D 274 51.56 8.09 36.43
CA THR D 274 51.81 7.70 35.04
C THR D 274 50.51 7.27 34.37
N ASP D 275 49.58 6.68 35.14
CA ASP D 275 48.30 6.25 34.58
C ASP D 275 47.46 7.44 34.14
N HIS D 276 47.40 8.44 34.99
CA HIS D 276 46.75 9.71 34.67
C HIS D 276 47.33 10.38 33.49
N ASP D 277 48.66 10.43 33.40
CA ASP D 277 49.36 10.96 32.22
C ASP D 277 48.94 10.24 30.92
N ALA D 278 48.91 8.90 30.95
CA ALA D 278 48.56 8.11 29.79
C ALA D 278 47.09 8.35 29.37
N ILE D 279 46.20 8.36 30.34
CA ILE D 279 44.76 8.47 30.04
C ILE D 279 44.43 9.83 29.38
N THR D 280 45.03 10.89 29.91
CA THR D 280 44.88 12.24 29.38
C THR D 280 45.26 12.30 27.87
N LYS D 281 46.34 11.62 27.51
CA LYS D 281 46.77 11.54 26.09
C LYS D 281 45.80 10.83 25.14
N LEU D 282 44.80 10.14 25.67
CA LEU D 282 43.77 9.49 24.84
C LEU D 282 42.72 10.46 24.26
N ASP D 283 42.78 11.73 24.66
CA ASP D 283 41.94 12.75 24.01
C ASP D 283 42.68 14.07 23.82
C1 EDO E . 11.87 20.61 18.38
O1 EDO E . 11.13 19.41 18.73
C2 EDO E . 13.25 20.27 17.87
O2 EDO E . 14.20 20.04 18.96
C1 GOL F . 15.16 10.85 20.74
O1 GOL F . 15.78 11.67 19.75
C2 GOL F . 15.94 10.85 22.06
O2 GOL F . 16.99 9.91 21.92
C3 GOL F . 15.03 10.51 23.25
O3 GOL F . 15.72 10.28 24.47
C1 EDO G . -22.05 -16.87 -13.20
O1 EDO G . -21.84 -15.46 -13.51
C2 EDO G . -20.94 -17.69 -13.84
O2 EDO G . -21.00 -17.59 -15.28
C1 GOL H . -17.10 -10.72 -19.82
O1 GOL H . -16.24 -11.83 -19.61
C2 GOL H . -17.47 -10.56 -21.29
O2 GOL H . -16.27 -10.38 -22.02
C3 GOL H . -18.45 -9.38 -21.49
O3 GOL H . -19.07 -9.31 -22.78
C1 EDO I . -20.38 -22.16 -30.64
O1 EDO I . -19.68 -20.97 -30.99
C2 EDO I . -21.23 -21.84 -29.46
O2 EDO I . -20.48 -21.19 -28.40
C1 GOL J . -19.88 -12.22 -28.65
O1 GOL J . -21.11 -12.87 -28.36
C2 GOL J . -19.19 -11.67 -27.40
O2 GOL J . -19.94 -10.55 -26.96
C3 GOL J . -17.75 -11.25 -27.77
O3 GOL J . -16.85 -11.10 -26.66
C1 EDO K . 27.08 19.53 26.06
O1 EDO K . 26.03 19.24 25.12
C2 EDO K . 28.39 19.01 25.53
O2 EDO K . 28.42 17.58 25.52
C1 GOL L . 21.08 9.87 25.84
O1 GOL L . 20.46 9.64 24.58
C2 GOL L . 20.61 11.13 26.58
O2 GOL L . 19.31 10.95 27.10
C3 GOL L . 21.51 11.48 27.76
O3 GOL L . 21.30 12.78 28.30
#